data_5XX0
#
_entry.id   5XX0
#
_cell.length_a   82.356
_cell.length_b   86.801
_cell.length_c   108.553
_cell.angle_alpha   90.00
_cell.angle_beta   90.00
_cell.angle_gamma   90.00
#
_symmetry.space_group_name_H-M   'P 21 21 21'
#
loop_
_entity.id
_entity.type
_entity.pdbx_description
1 polymer 'Protein sidekick-2'
2 water water
#
_entity_poly.entity_id   1
_entity_poly.type   'polypeptide(L)'
_entity_poly.pdbx_seq_one_letter_code
;MFSSMWRLPLWTLLALHRIHSAGAQDDVPPYFKTEPVRTQVHLEGNRLVLTCMAEGSWPLEFKWLHNNRELTRFSLEYRY
MITSLDRTHAGFYRCIVRNRMGALLQRQTEVQVAYMGSFEEGEKRQSVNHGEAAVIRAPRISSFPRPQVTWFRDGRKIPP
SSRIAITLENTLVILSTVAPDAGRYYVQAVNDKNGDNKTSQPITLAVENVGGPADPIAPTIIIPPKNTSVVAGTSEVTME
CVANARPLIKLHIVWKKDGAPLSSGISDYNRRLTIANPTVSDAGYYECEAMLRSSSVAPVTRGAYLSVLEPPQFVREPER
HITAEMEKVVDIPCRAKGVPPPSITWYKDAALVEVGKLTRFKQRSDGGLQISGLLPDDTGMLQCFAHNAAGEAQTSTYLA
VTS
;
_entity_poly.pdbx_strand_id   A,B
#
# COMPACT_ATOMS: atom_id res chain seq x y z
N ASP A 27 19.38 -7.40 -30.97
CA ASP A 27 18.72 -6.11 -31.14
C ASP A 27 17.40 -6.03 -30.36
N VAL A 28 17.50 -6.00 -29.03
CA VAL A 28 16.33 -5.91 -28.15
C VAL A 28 16.24 -4.55 -27.52
N PRO A 29 15.06 -3.84 -27.75
CA PRO A 29 15.00 -2.55 -27.07
C PRO A 29 14.72 -2.64 -25.58
N PRO A 30 15.08 -1.51 -24.83
CA PRO A 30 14.93 -1.70 -23.37
C PRO A 30 13.52 -1.79 -22.87
N TYR A 31 13.33 -2.47 -21.75
CA TYR A 31 12.06 -2.57 -21.11
C TYR A 31 12.29 -2.88 -19.66
N PHE A 32 11.32 -2.62 -18.81
CA PHE A 32 11.51 -2.83 -17.38
C PHE A 32 10.92 -4.13 -16.91
N LYS A 33 11.72 -4.95 -16.27
CA LYS A 33 11.24 -6.22 -15.74
C LYS A 33 10.41 -6.01 -14.47
N THR A 34 10.84 -5.05 -13.65
CA THR A 34 10.10 -4.69 -12.45
C THR A 34 10.14 -3.19 -12.20
N GLU A 35 8.97 -2.62 -11.91
CA GLU A 35 8.88 -1.21 -11.54
C GLU A 35 8.89 -1.08 -10.02
N PRO A 36 9.62 -0.08 -9.51
CA PRO A 36 9.74 0.13 -8.05
C PRO A 36 8.41 0.57 -7.43
N VAL A 37 8.31 0.45 -6.11
CA VAL A 37 7.11 0.92 -5.42
C VAL A 37 7.07 2.44 -5.47
N ARG A 38 5.85 2.98 -5.45
CA ARG A 38 5.66 4.42 -5.61
C ARG A 38 6.23 5.21 -4.44
N THR A 39 5.97 4.74 -3.22
CA THR A 39 6.48 5.40 -2.02
C THR A 39 7.13 4.40 -1.06
N GLN A 40 8.20 4.81 -0.41
CA GLN A 40 8.89 3.95 0.55
C GLN A 40 9.48 4.75 1.70
N VAL A 41 9.33 4.23 2.92
CA VAL A 41 9.82 4.90 4.11
C VAL A 41 11.09 4.24 4.65
N HIS A 42 12.11 5.05 4.92
CA HIS A 42 13.35 4.55 5.49
C HIS A 42 13.74 5.34 6.73
N LEU A 43 14.53 4.71 7.60
CA LEU A 43 15.04 5.38 8.79
C LEU A 43 16.36 6.08 8.49
N GLU A 44 16.58 7.20 9.18
CA GLU A 44 17.84 7.91 9.08
C GLU A 44 18.97 7.03 9.59
N GLY A 45 20.11 7.05 8.92
CA GLY A 45 21.25 6.26 9.33
C GLY A 45 21.32 4.89 8.68
N ASN A 46 20.16 4.39 8.23
CA ASN A 46 20.13 3.14 7.49
C ASN A 46 20.61 3.34 6.07
N ARG A 47 21.05 2.27 5.42
CA ARG A 47 21.50 2.37 4.04
C ARG A 47 20.32 2.22 3.09
N LEU A 48 20.52 2.67 1.85
CA LEU A 48 19.45 2.77 0.87
C LEU A 48 19.93 2.26 -0.47
N VAL A 49 19.24 1.25 -1.00
CA VAL A 49 19.60 0.72 -2.31
C VAL A 49 18.44 0.83 -3.29
N LEU A 50 18.65 1.58 -4.38
CA LEU A 50 17.69 1.65 -5.46
C LEU A 50 18.24 0.94 -6.68
N THR A 51 17.37 0.32 -7.46
CA THR A 51 17.81 -0.44 -8.62
C THR A 51 17.02 -0.09 -9.89
N CYS A 52 17.72 -0.12 -11.02
CA CYS A 52 17.08 0.05 -12.31
C CYS A 52 16.99 -1.31 -13.01
N MET A 53 15.95 -2.06 -12.69
CA MET A 53 15.81 -3.42 -13.18
C MET A 53 15.26 -3.46 -14.60
N ALA A 54 16.17 -3.47 -15.56
CA ALA A 54 15.77 -3.47 -16.96
C ALA A 54 16.50 -4.57 -17.73
N GLU A 55 15.99 -4.88 -18.91
CA GLU A 55 16.64 -5.81 -19.82
C GLU A 55 16.67 -5.19 -21.20
N GLY A 56 17.53 -5.72 -22.07
CA GLY A 56 17.66 -5.22 -23.42
C GLY A 56 18.87 -5.80 -24.14
N SER A 57 19.29 -5.13 -25.21
CA SER A 57 20.44 -5.57 -25.99
C SER A 57 21.67 -4.72 -25.69
N TRP A 58 22.81 -5.37 -25.51
CA TRP A 58 24.06 -4.68 -25.23
C TRP A 58 24.24 -3.46 -26.15
N PRO A 59 24.73 -2.23 -25.63
CA PRO A 59 25.03 -2.22 -24.19
C PRO A 59 23.92 -1.54 -23.39
N LEU A 60 23.59 -2.10 -22.23
CA LEU A 60 22.54 -1.54 -21.38
C LEU A 60 23.13 -0.61 -20.33
N GLU A 61 22.91 0.70 -20.52
CA GLU A 61 23.41 1.70 -19.58
C GLU A 61 22.31 2.28 -18.69
N PHE A 62 22.73 2.79 -17.53
CA PHE A 62 21.80 3.34 -16.56
C PHE A 62 22.30 4.69 -16.01
N LYS A 63 21.36 5.61 -15.79
CA LYS A 63 21.67 6.87 -15.13
C LYS A 63 20.60 7.17 -14.09
N TRP A 64 20.92 7.99 -13.09
CA TRP A 64 19.98 8.25 -12.01
C TRP A 64 19.60 9.72 -11.88
N LEU A 65 18.34 9.96 -11.55
CA LEU A 65 17.80 11.29 -11.35
C LEU A 65 17.25 11.47 -9.95
N HIS A 66 17.57 12.60 -9.33
CA HIS A 66 17.00 12.98 -8.05
C HIS A 66 16.28 14.31 -8.19
N ASN A 67 14.94 14.28 -8.06
CA ASN A 67 14.10 15.44 -8.32
C ASN A 67 14.36 15.97 -9.74
N ASN A 68 14.43 15.04 -10.68
CA ASN A 68 14.66 15.31 -12.09
C ASN A 68 15.98 16.00 -12.40
N ARG A 69 16.95 15.88 -11.49
CA ARG A 69 18.29 16.39 -11.75
C ARG A 69 19.28 15.24 -11.80
N GLU A 70 20.23 15.32 -12.73
CA GLU A 70 21.24 14.28 -12.91
C GLU A 70 21.97 13.98 -11.61
N LEU A 71 22.06 12.69 -11.29
CA LEU A 71 22.74 12.24 -10.08
C LEU A 71 23.95 11.43 -10.51
N THR A 72 23.82 10.76 -11.65
CA THR A 72 24.92 10.06 -12.30
C THR A 72 24.83 10.29 -13.81
N ARG A 73 25.92 10.00 -14.51
CA ARG A 73 25.87 9.90 -15.97
C ARG A 73 25.71 8.43 -16.30
N PHE A 74 25.41 8.11 -17.55
CA PHE A 74 25.21 6.72 -17.96
C PHE A 74 26.44 5.87 -17.66
N SER A 75 26.20 4.66 -17.19
CA SER A 75 27.28 3.71 -16.91
C SER A 75 26.73 2.28 -16.89
N LEU A 76 27.53 1.36 -16.37
CA LEU A 76 27.08 -0.04 -16.26
C LEU A 76 26.38 -0.28 -14.93
N GLU A 77 26.46 0.70 -14.04
CA GLU A 77 25.92 0.57 -12.68
C GLU A 77 24.41 0.81 -12.65
N TYR A 78 23.66 -0.25 -12.33
CA TYR A 78 22.21 -0.17 -12.27
C TYR A 78 21.73 0.22 -10.86
N ARG A 79 22.64 0.23 -9.91
CA ARG A 79 22.30 0.58 -8.53
C ARG A 79 22.58 2.05 -8.24
N TYR A 80 21.76 2.65 -7.40
CA TYR A 80 22.15 3.87 -6.72
C TYR A 80 22.04 3.65 -5.22
N MET A 81 23.14 3.90 -4.52
CA MET A 81 23.25 3.52 -3.11
C MET A 81 23.63 4.69 -2.21
N ILE A 82 22.95 4.80 -1.08
CA ILE A 82 23.33 5.75 -0.05
C ILE A 82 23.65 5.01 1.24
N THR A 83 24.94 4.97 1.60
CA THR A 83 25.40 4.19 2.74
C THR A 83 24.71 4.61 4.05
N SER A 84 24.48 5.91 4.21
CA SER A 84 23.84 6.41 5.43
C SER A 84 22.85 7.51 5.12
N LEU A 85 21.56 7.18 5.20
CA LEU A 85 20.51 8.14 4.87
C LEU A 85 20.46 9.34 5.81
N ASP A 86 20.12 10.49 5.25
CA ASP A 86 19.84 11.70 6.01
C ASP A 86 18.44 12.16 5.59
N ARG A 87 17.82 13.00 6.41
CA ARG A 87 16.50 13.53 6.08
C ARG A 87 16.58 14.43 4.85
N THR A 88 17.79 14.91 4.55
CA THR A 88 18.03 15.75 3.38
C THR A 88 18.04 14.92 2.10
N HIS A 89 17.98 13.60 2.25
CA HIS A 89 17.95 12.71 1.10
C HIS A 89 16.51 12.39 0.70
N ALA A 90 15.55 12.88 1.48
CA ALA A 90 14.14 12.68 1.18
C ALA A 90 13.79 13.36 -0.14
N GLY A 91 12.93 12.71 -0.93
CA GLY A 91 12.55 13.27 -2.23
C GLY A 91 12.43 12.21 -3.30
N PHE A 92 12.31 12.64 -4.55
CA PHE A 92 12.03 11.73 -5.64
C PHE A 92 13.29 11.23 -6.34
N TYR A 93 13.30 9.93 -6.63
CA TYR A 93 14.37 9.31 -7.40
C TYR A 93 13.79 8.53 -8.57
N ARG A 94 14.54 8.45 -9.66
CA ARG A 94 14.14 7.61 -10.78
C ARG A 94 15.35 7.25 -11.63
N CYS A 95 15.17 6.27 -12.52
CA CYS A 95 16.27 5.83 -13.37
C CYS A 95 15.97 6.05 -14.85
N ILE A 96 17.02 6.21 -15.64
CA ILE A 96 16.90 6.17 -17.08
C ILE A 96 17.76 5.03 -17.59
N VAL A 97 17.17 4.16 -18.41
CA VAL A 97 17.93 3.06 -18.99
C VAL A 97 18.03 3.28 -20.49
N ARG A 98 19.17 2.93 -21.10
CA ARG A 98 19.29 3.12 -22.53
C ARG A 98 20.19 2.08 -23.20
N ASN A 99 19.94 1.85 -24.47
CA ASN A 99 20.90 1.17 -25.33
C ASN A 99 20.86 1.80 -26.72
N ARG A 100 21.58 1.21 -27.67
CA ARG A 100 21.72 1.79 -28.99
C ARG A 100 20.40 1.94 -29.74
N MET A 101 19.32 1.38 -29.19
CA MET A 101 18.02 1.45 -29.82
C MET A 101 17.09 2.49 -29.18
N GLY A 102 17.45 2.98 -27.99
CA GLY A 102 16.62 4.00 -27.35
C GLY A 102 16.78 4.10 -25.84
N ALA A 103 15.87 4.84 -25.21
CA ALA A 103 15.94 5.09 -23.77
C ALA A 103 14.56 5.12 -23.11
N LEU A 104 14.50 4.60 -21.89
CA LEU A 104 13.28 4.58 -21.10
C LEU A 104 13.44 5.30 -19.76
N LEU A 105 12.38 5.99 -19.38
CA LEU A 105 12.29 6.69 -18.11
C LEU A 105 11.58 5.81 -17.08
N GLN A 106 12.29 5.46 -16.00
CA GLN A 106 11.72 4.59 -14.98
C GLN A 106 10.60 5.30 -14.22
N ARG A 107 9.68 4.53 -13.65
CA ARG A 107 8.67 5.07 -12.77
C ARG A 107 9.34 5.76 -11.58
N GLN A 108 8.89 6.98 -11.29
CA GLN A 108 9.44 7.76 -10.19
C GLN A 108 9.01 7.21 -8.85
N THR A 109 9.94 7.19 -7.90
CA THR A 109 9.62 6.78 -6.53
C THR A 109 9.95 7.90 -5.56
N GLU A 110 9.25 7.92 -4.43
CA GLU A 110 9.57 8.91 -3.40
C GLU A 110 10.18 8.25 -2.17
N VAL A 111 11.44 8.56 -1.92
CA VAL A 111 12.11 8.14 -0.70
C VAL A 111 11.76 9.07 0.44
N GLN A 112 11.04 8.53 1.42
CA GLN A 112 10.66 9.29 2.60
C GLN A 112 11.54 8.88 3.79
N VAL A 113 12.22 9.84 4.38
CA VAL A 113 13.18 9.55 5.44
C VAL A 113 12.61 9.86 6.82
N ALA A 114 12.33 8.80 7.58
CA ALA A 114 11.77 8.93 8.92
C ALA A 114 12.74 9.63 9.88
N TYR A 115 12.27 10.70 10.51
CA TYR A 115 13.08 11.47 11.44
C TYR A 115 12.20 12.20 12.44
N MET A 116 12.83 12.93 13.36
CA MET A 116 12.11 13.76 14.32
C MET A 116 13.02 14.77 15.00
N GLY A 117 12.72 16.06 14.82
CA GLY A 117 13.48 17.12 15.46
C GLY A 117 12.96 17.40 16.86
N SER A 118 13.28 18.57 17.39
CA SER A 118 12.89 18.92 18.75
C SER A 118 11.88 20.07 18.79
N PHE A 119 11.24 20.24 19.94
CA PHE A 119 10.40 21.40 20.19
C PHE A 119 11.28 22.61 20.49
N GLU A 120 11.49 23.45 19.46
CA GLU A 120 12.38 24.58 19.59
C GLU A 120 11.71 25.76 20.28
N GLU A 121 10.38 25.72 20.35
CA GLU A 121 9.61 26.80 20.97
C GLU A 121 9.82 26.86 22.47
N GLY A 122 9.85 28.07 23.01
CA GLY A 122 10.03 28.26 24.44
C GLY A 122 8.71 28.12 25.18
N GLU A 123 8.72 28.45 26.47
CA GLU A 123 7.49 28.45 27.25
C GLU A 123 6.53 29.51 26.72
N LYS A 124 5.24 29.22 26.79
CA LYS A 124 4.23 30.20 26.43
C LYS A 124 3.23 30.36 27.56
N ARG A 125 2.36 31.35 27.44
CA ARG A 125 1.25 31.51 28.36
C ARG A 125 0.08 32.18 27.66
N GLN A 126 -1.13 31.71 27.97
CA GLN A 126 -2.34 32.26 27.41
C GLN A 126 -3.31 32.60 28.53
N SER A 127 -4.35 33.34 28.21
CA SER A 127 -5.36 33.67 29.20
C SER A 127 -6.75 33.64 28.57
N VAL A 128 -7.74 33.34 29.40
CA VAL A 128 -9.11 33.21 28.94
C VAL A 128 -10.06 33.52 30.10
N ASN A 129 -11.28 33.93 29.79
CA ASN A 129 -12.26 34.15 30.84
C ASN A 129 -13.13 32.90 30.98
N HIS A 130 -13.69 32.68 32.17
CA HIS A 130 -14.47 31.47 32.40
C HIS A 130 -15.68 31.45 31.49
N GLY A 131 -15.95 30.28 30.91
CA GLY A 131 -17.03 30.14 29.94
C GLY A 131 -16.51 30.17 28.53
N GLU A 132 -15.50 31.00 28.28
CA GLU A 132 -14.85 31.05 26.98
C GLU A 132 -14.13 29.74 26.70
N ALA A 133 -14.07 29.36 25.44
CA ALA A 133 -13.30 28.19 25.05
C ALA A 133 -11.81 28.53 25.05
N ALA A 134 -11.00 27.62 25.55
CA ALA A 134 -9.55 27.83 25.54
C ALA A 134 -8.92 27.02 24.42
N VAL A 135 -8.34 27.73 23.46
CA VAL A 135 -7.71 27.10 22.30
C VAL A 135 -6.20 27.13 22.41
N ILE A 136 -5.59 25.96 22.51
CA ILE A 136 -4.15 25.84 22.71
C ILE A 136 -3.51 24.95 21.65
N ARG A 137 -2.84 25.57 20.69
CA ARG A 137 -2.23 24.84 19.58
C ARG A 137 -1.03 24.02 20.04
N ALA A 138 -0.84 22.86 19.43
CA ALA A 138 0.31 22.02 19.72
C ALA A 138 1.59 22.71 19.27
N PRO A 139 2.58 22.81 20.18
CA PRO A 139 3.88 23.40 19.87
C PRO A 139 4.50 22.74 18.65
N ARG A 140 5.23 23.51 17.85
CA ARG A 140 5.73 22.99 16.58
C ARG A 140 6.88 21.99 16.75
N ILE A 141 6.86 20.99 15.88
CA ILE A 141 7.96 20.04 15.79
C ILE A 141 7.96 19.46 14.38
N SER A 142 9.14 19.36 13.78
CA SER A 142 9.26 18.81 12.44
C SER A 142 9.55 17.32 12.55
N SER A 143 8.85 16.52 11.75
CA SER A 143 8.95 15.07 11.85
C SER A 143 8.30 14.38 10.67
N PHE A 144 8.93 13.30 10.20
CA PHE A 144 8.24 12.37 9.32
C PHE A 144 8.36 10.96 9.90
N PRO A 145 7.22 10.26 10.02
CA PRO A 145 5.89 10.80 9.74
C PRO A 145 5.43 11.80 10.79
N ARG A 146 4.27 12.41 10.60
CA ARG A 146 3.69 13.26 11.62
C ARG A 146 3.58 12.47 12.91
N PRO A 147 4.02 13.06 14.03
CA PRO A 147 4.04 12.31 15.28
C PRO A 147 2.65 12.13 15.89
N GLN A 148 2.52 11.14 16.77
CA GLN A 148 1.33 11.04 17.59
C GLN A 148 1.50 11.95 18.79
N VAL A 149 0.51 12.81 19.02
CA VAL A 149 0.61 13.83 20.06
C VAL A 149 -0.37 13.55 21.19
N THR A 150 0.11 13.69 22.43
CA THR A 150 -0.72 13.47 23.59
C THR A 150 -0.60 14.64 24.57
N TRP A 151 -1.74 15.18 24.98
CA TRP A 151 -1.75 16.36 25.85
C TRP A 151 -1.67 16.00 27.33
N PHE A 152 -0.88 16.79 28.05
CA PHE A 152 -0.55 16.57 29.45
C PHE A 152 -0.72 17.83 30.26
N ARG A 153 -0.84 17.63 31.57
CA ARG A 153 -0.89 18.70 32.56
C ARG A 153 -0.63 18.08 33.91
N ASP A 154 0.48 18.47 34.55
CA ASP A 154 0.92 17.91 35.82
C ASP A 154 1.17 16.40 35.70
N GLY A 155 1.84 15.99 34.62
CA GLY A 155 2.18 14.60 34.42
C GLY A 155 1.00 13.68 34.14
N ARG A 156 -0.20 14.25 34.09
CA ARG A 156 -1.39 13.49 33.80
C ARG A 156 -1.86 13.67 32.36
N LYS A 157 -2.19 12.56 31.71
CA LYS A 157 -2.73 12.62 30.35
C LYS A 157 -4.06 13.36 30.34
N ILE A 158 -4.36 14.01 29.23
CA ILE A 158 -5.64 14.71 29.08
C ILE A 158 -6.40 14.13 27.91
N PRO A 159 -7.33 13.21 28.21
CA PRO A 159 -8.15 12.55 27.19
C PRO A 159 -9.27 13.45 26.71
N PRO A 160 -9.70 13.28 25.45
CA PRO A 160 -10.89 13.98 24.95
C PRO A 160 -12.12 13.67 25.79
N SER A 161 -12.89 14.69 26.11
CA SER A 161 -14.11 14.51 26.88
C SER A 161 -15.24 15.26 26.21
N SER A 162 -16.40 15.32 26.88
CA SER A 162 -17.50 16.13 26.39
C SER A 162 -17.14 17.60 26.49
N ARG A 163 -16.18 17.89 27.37
CA ARG A 163 -15.78 19.25 27.67
C ARG A 163 -14.40 19.58 27.13
N ILE A 164 -13.71 18.54 26.64
CA ILE A 164 -12.35 18.71 26.14
C ILE A 164 -12.17 18.02 24.78
N ALA A 165 -11.83 18.81 23.77
CA ALA A 165 -11.61 18.27 22.44
C ALA A 165 -10.13 18.33 22.06
N ILE A 166 -9.68 17.33 21.32
CA ILE A 166 -8.34 17.34 20.75
C ILE A 166 -8.44 17.10 19.25
N THR A 167 -8.18 18.15 18.49
CA THR A 167 -8.44 18.15 17.05
C THR A 167 -7.49 17.25 16.26
N LEU A 168 -7.74 17.16 14.96
CA LEU A 168 -6.90 16.40 14.05
C LEU A 168 -5.52 17.04 13.94
N GLU A 169 -5.47 18.34 14.23
CA GLU A 169 -4.23 19.10 14.19
C GLU A 169 -3.54 19.08 15.56
N ASN A 170 -4.09 18.28 16.47
CA ASN A 170 -3.60 18.15 17.84
C ASN A 170 -3.70 19.45 18.63
N THR A 171 -4.67 20.28 18.28
CA THR A 171 -4.99 21.47 19.05
C THR A 171 -5.90 21.11 20.22
N LEU A 172 -5.57 21.61 21.41
CA LEU A 172 -6.38 21.33 22.59
C LEU A 172 -7.43 22.41 22.82
N VAL A 173 -8.70 22.01 22.77
CA VAL A 173 -9.80 22.92 23.04
C VAL A 173 -10.48 22.56 24.36
N ILE A 174 -10.63 23.54 25.24
CA ILE A 174 -11.35 23.33 26.49
C ILE A 174 -12.61 24.17 26.50
N LEU A 175 -13.76 23.50 26.38
CA LEU A 175 -15.04 24.19 26.30
C LEU A 175 -15.50 24.70 27.67
N SER A 176 -16.17 25.85 27.66
CA SER A 176 -16.71 26.51 28.85
C SER A 176 -15.77 26.39 30.05
N THR A 177 -14.57 26.94 29.89
CA THR A 177 -13.52 26.81 30.91
C THR A 177 -13.95 27.27 32.29
N VAL A 178 -13.48 26.56 33.30
CA VAL A 178 -13.67 26.95 34.69
C VAL A 178 -12.31 27.27 35.29
N ALA A 179 -12.31 27.86 36.48
CA ALA A 179 -11.07 28.26 37.14
C ALA A 179 -10.04 27.11 37.32
N PRO A 180 -10.50 25.91 37.71
CA PRO A 180 -9.51 24.82 37.84
C PRO A 180 -8.84 24.39 36.53
N ASP A 181 -9.28 24.92 35.39
CA ASP A 181 -8.66 24.58 34.11
C ASP A 181 -7.32 25.28 33.93
N ALA A 182 -7.03 26.23 34.80
CA ALA A 182 -5.78 26.98 34.72
C ALA A 182 -4.58 26.12 35.12
N GLY A 183 -3.49 26.24 34.37
CA GLY A 183 -2.29 25.48 34.68
C GLY A 183 -1.34 25.30 33.51
N ARG A 184 -0.31 24.50 33.73
CA ARG A 184 0.72 24.26 32.72
C ARG A 184 0.41 23.04 31.88
N TYR A 185 0.08 23.25 30.62
CA TYR A 185 -0.20 22.16 29.70
C TYR A 185 1.00 21.93 28.80
N TYR A 186 1.22 20.69 28.35
CA TYR A 186 2.30 20.44 27.40
C TYR A 186 2.01 19.17 26.63
N VAL A 187 2.80 18.86 25.60
CA VAL A 187 2.54 17.67 24.82
C VAL A 187 3.70 16.68 24.87
N GLN A 188 3.38 15.42 24.61
CA GLN A 188 4.39 14.42 24.29
C GLN A 188 4.15 13.96 22.86
N ALA A 189 5.23 13.83 22.10
CA ALA A 189 5.11 13.43 20.71
C ALA A 189 5.96 12.19 20.42
N VAL A 190 5.33 11.20 19.78
CA VAL A 190 6.02 9.96 19.44
C VAL A 190 5.94 9.66 17.94
N ASN A 191 7.10 9.52 17.31
CA ASN A 191 7.17 9.13 15.92
C ASN A 191 6.97 7.63 15.79
N ASP A 192 6.01 7.21 14.97
CA ASP A 192 5.58 5.82 14.95
C ASP A 192 6.55 4.86 14.25
N LYS A 193 7.47 5.39 13.45
CA LYS A 193 8.33 4.52 12.66
C LYS A 193 9.79 4.48 13.15
N ASN A 194 10.21 5.47 13.92
CA ASN A 194 11.54 5.41 14.51
C ASN A 194 11.47 5.35 16.03
N GLY A 195 10.26 5.52 16.57
CA GLY A 195 10.01 5.34 17.98
C GLY A 195 10.37 6.52 18.87
N ASP A 196 10.91 7.59 18.26
CA ASP A 196 11.36 8.76 19.01
C ASP A 196 10.27 9.35 19.89
N ASN A 197 10.68 9.93 21.03
CA ASN A 197 9.75 10.44 22.02
C ASN A 197 10.25 11.78 22.59
N LYS A 198 9.56 12.87 22.23
CA LYS A 198 9.94 14.18 22.71
C LYS A 198 8.88 14.79 23.61
N THR A 199 9.31 15.66 24.54
CA THR A 199 8.42 16.41 25.39
C THR A 199 8.59 17.91 25.10
N SER A 200 7.48 18.64 25.05
CA SER A 200 7.53 20.06 24.69
C SER A 200 7.59 20.97 25.92
N GLN A 201 7.95 22.23 25.69
CA GLN A 201 7.87 23.25 26.71
C GLN A 201 6.41 23.57 27.00
N PRO A 202 6.10 24.00 28.22
CA PRO A 202 4.69 24.15 28.59
C PRO A 202 4.06 25.49 28.18
N ILE A 203 2.73 25.46 28.08
CA ILE A 203 1.91 26.63 27.85
C ILE A 203 1.02 26.83 29.07
N THR A 204 1.14 28.00 29.69
CA THR A 204 0.46 28.28 30.95
C THR A 204 -0.86 29.01 30.74
N LEU A 205 -1.96 28.29 30.93
CA LEU A 205 -3.28 28.88 30.78
C LEU A 205 -3.76 29.51 32.08
N ALA A 206 -4.14 30.78 31.99
CA ALA A 206 -4.75 31.48 33.11
C ALA A 206 -6.24 31.67 32.83
N VAL A 207 -7.07 31.41 33.85
CA VAL A 207 -8.50 31.61 33.72
C VAL A 207 -8.96 32.72 34.66
N GLU A 208 -9.68 33.69 34.12
CA GLU A 208 -10.08 34.87 34.87
C GLU A 208 -11.52 34.78 35.35
N ASN A 209 -11.89 35.67 36.26
CA ASN A 209 -13.22 35.66 36.86
C ASN A 209 -13.90 37.04 36.78
N VAL A 210 -14.39 37.38 35.60
CA VAL A 210 -15.08 38.66 35.41
C VAL A 210 -16.57 38.44 35.13
N GLY A 211 -17.41 38.86 36.07
CA GLY A 211 -18.84 38.67 35.95
C GLY A 211 -19.25 37.29 36.41
N GLY A 212 -20.56 37.09 36.58
CA GLY A 212 -21.09 35.82 37.04
C GLY A 212 -20.83 34.67 36.08
N PRO A 213 -20.59 33.47 36.62
CA PRO A 213 -20.29 32.27 35.83
C PRO A 213 -21.54 31.52 35.36
N ALA A 214 -22.69 32.15 35.40
CA ALA A 214 -23.95 31.49 35.05
C ALA A 214 -24.55 32.03 33.75
N ASP A 215 -23.87 33.00 33.13
CA ASP A 215 -24.36 33.61 31.90
C ASP A 215 -24.40 32.60 30.74
N PRO A 216 -25.54 32.54 30.05
CA PRO A 216 -25.71 31.66 28.90
C PRO A 216 -24.86 32.08 27.70
N ILE A 217 -24.51 31.13 26.84
CA ILE A 217 -23.69 31.41 25.66
C ILE A 217 -24.21 30.68 24.42
N ALA A 218 -24.51 31.45 23.39
CA ALA A 218 -24.99 30.89 22.12
C ALA A 218 -23.90 30.04 21.45
N PRO A 219 -24.30 28.98 20.75
CA PRO A 219 -23.39 28.06 20.05
C PRO A 219 -22.35 28.77 19.19
N THR A 220 -21.09 28.36 19.35
CA THR A 220 -19.98 28.90 18.57
C THR A 220 -19.21 27.76 17.93
N ILE A 221 -18.60 28.01 16.78
CA ILE A 221 -17.78 27.00 16.14
C ILE A 221 -16.30 27.36 16.26
N ILE A 222 -15.61 26.67 17.17
CA ILE A 222 -14.21 26.92 17.43
C ILE A 222 -13.33 26.37 16.31
N ILE A 223 -13.63 25.15 15.90
CA ILE A 223 -12.86 24.49 14.83
C ILE A 223 -13.77 24.09 13.68
N PRO A 224 -13.80 24.91 12.62
CA PRO A 224 -14.62 24.58 11.44
C PRO A 224 -14.03 23.42 10.65
N PRO A 225 -14.86 22.76 9.83
CA PRO A 225 -14.34 21.72 8.94
C PRO A 225 -13.34 22.30 7.94
N LYS A 226 -12.38 21.50 7.51
CA LYS A 226 -11.38 21.95 6.55
C LYS A 226 -11.54 21.24 5.21
N ASN A 227 -11.21 21.94 4.14
CA ASN A 227 -11.12 21.31 2.82
C ASN A 227 -10.18 20.12 2.90
N THR A 228 -10.67 18.96 2.50
CA THR A 228 -9.94 17.71 2.70
C THR A 228 -9.96 16.83 1.46
N SER A 229 -8.80 16.31 1.08
CA SER A 229 -8.71 15.44 -0.09
C SER A 229 -8.14 14.07 0.28
N VAL A 230 -8.67 13.02 -0.35
CA VAL A 230 -8.22 11.65 -0.08
C VAL A 230 -8.28 10.78 -1.35
N VAL A 231 -7.27 9.93 -1.52
CA VAL A 231 -7.28 8.93 -2.58
C VAL A 231 -8.22 7.79 -2.22
N ALA A 232 -9.05 7.38 -3.17
CA ALA A 232 -10.07 6.36 -2.95
C ALA A 232 -9.51 5.06 -2.35
N GLY A 233 -8.23 4.81 -2.59
CA GLY A 233 -7.57 3.62 -2.08
C GLY A 233 -7.02 3.81 -0.69
N THR A 234 -7.87 4.37 0.17
CA THR A 234 -7.58 4.63 1.57
C THR A 234 -8.64 4.01 2.41
N SER A 235 -8.43 3.95 3.71
CA SER A 235 -9.36 3.25 4.57
C SER A 235 -10.34 4.16 5.25
N GLU A 236 -9.93 5.39 5.51
CA GLU A 236 -10.70 6.33 6.28
C GLU A 236 -10.45 7.74 5.83
N VAL A 237 -11.39 8.62 6.11
CA VAL A 237 -11.22 10.05 6.00
C VAL A 237 -12.15 10.72 6.97
N THR A 238 -11.66 11.71 7.69
CA THR A 238 -12.43 12.34 8.75
C THR A 238 -12.59 13.84 8.59
N MET A 239 -13.83 14.31 8.68
CA MET A 239 -14.11 15.74 8.80
C MET A 239 -14.31 16.05 10.27
N GLU A 240 -13.96 17.25 10.70
CA GLU A 240 -14.07 17.59 12.12
C GLU A 240 -14.67 18.96 12.36
N CYS A 241 -15.45 19.07 13.44
CA CYS A 241 -16.07 20.33 13.83
C CYS A 241 -16.26 20.39 15.34
N VAL A 242 -15.67 21.40 15.97
CA VAL A 242 -15.78 21.54 17.42
C VAL A 242 -16.61 22.78 17.77
N ALA A 243 -17.58 22.60 18.65
CA ALA A 243 -18.46 23.69 19.05
C ALA A 243 -18.43 23.96 20.55
N ASN A 244 -18.71 25.20 20.93
CA ASN A 244 -18.74 25.61 22.33
C ASN A 244 -20.04 26.30 22.69
N ALA A 245 -20.58 26.00 23.87
CA ALA A 245 -21.84 26.58 24.31
C ALA A 245 -22.01 26.48 25.82
N ARG A 246 -23.00 27.20 26.35
CA ARG A 246 -23.30 27.21 27.78
C ARG A 246 -24.81 27.28 28.01
N PRO A 247 -25.37 26.27 28.70
CA PRO A 247 -24.65 25.10 29.24
C PRO A 247 -24.30 24.09 28.14
N LEU A 248 -23.13 23.48 28.27
CA LEU A 248 -22.59 22.59 27.26
C LEU A 248 -23.49 21.39 26.99
N ILE A 249 -24.36 21.08 27.93
CA ILE A 249 -25.19 19.87 27.86
C ILE A 249 -26.24 19.92 26.75
N LYS A 250 -26.74 21.10 26.44
CA LYS A 250 -27.75 21.24 25.39
C LYS A 250 -27.14 21.62 24.05
N LEU A 251 -25.82 21.53 23.96
CA LEU A 251 -25.14 21.75 22.70
C LEU A 251 -25.31 20.52 21.81
N HIS A 252 -25.84 20.72 20.62
CA HIS A 252 -26.01 19.64 19.67
C HIS A 252 -25.42 19.99 18.32
N ILE A 253 -24.69 19.03 17.75
CA ILE A 253 -24.02 19.20 16.48
C ILE A 253 -24.57 18.24 15.44
N VAL A 254 -25.03 18.80 14.33
CA VAL A 254 -25.59 18.01 13.23
C VAL A 254 -24.67 18.10 12.02
N TRP A 255 -24.41 16.96 11.38
CA TRP A 255 -23.61 16.93 10.17
C TRP A 255 -24.49 16.82 8.93
N LYS A 256 -24.02 17.39 7.83
CA LYS A 256 -24.77 17.37 6.58
C LYS A 256 -23.87 17.14 5.38
N LYS A 257 -24.40 16.47 4.35
CA LYS A 257 -23.69 16.38 3.08
C LYS A 257 -24.57 16.90 1.95
N ASP A 258 -24.10 17.96 1.30
CA ASP A 258 -24.82 18.59 0.20
C ASP A 258 -26.22 19.02 0.63
N GLY A 259 -26.38 19.34 1.90
CA GLY A 259 -27.64 19.83 2.43
C GLY A 259 -28.44 18.80 3.22
N ALA A 260 -28.07 17.53 3.09
CA ALA A 260 -28.81 16.45 3.73
C ALA A 260 -28.14 15.95 5.01
N PRO A 261 -28.95 15.72 6.07
CA PRO A 261 -28.45 15.24 7.36
C PRO A 261 -27.81 13.86 7.28
N LEU A 262 -26.82 13.61 8.12
CA LEU A 262 -26.14 12.32 8.17
C LEU A 262 -26.41 11.63 9.51
N SER A 263 -26.56 10.30 9.48
CA SER A 263 -27.00 9.57 10.66
C SER A 263 -26.07 8.42 11.04
N SER A 264 -24.86 8.42 10.48
CA SER A 264 -23.89 7.38 10.80
C SER A 264 -22.48 7.85 10.48
N GLY A 265 -21.51 7.27 11.14
CA GLY A 265 -20.14 7.69 10.97
C GLY A 265 -19.79 8.84 11.86
N ILE A 266 -20.69 9.18 12.75
CA ILE A 266 -20.47 10.27 13.65
C ILE A 266 -19.92 9.77 14.96
N SER A 267 -18.84 10.38 15.42
CA SER A 267 -18.24 10.00 16.66
C SER A 267 -17.68 11.21 17.34
N ASP A 268 -16.81 10.98 18.30
CA ASP A 268 -16.41 11.96 19.27
C ASP A 268 -17.67 12.36 19.95
N TYR A 269 -17.86 13.63 20.23
CA TYR A 269 -19.11 14.05 20.77
C TYR A 269 -19.81 14.82 19.69
N ASN A 270 -19.90 14.14 18.56
CA ASN A 270 -20.45 14.67 17.35
C ASN A 270 -19.47 15.60 16.66
N ARG A 271 -18.25 15.59 17.11
CA ARG A 271 -17.22 16.48 16.57
C ARG A 271 -16.55 15.88 15.35
N ARG A 272 -16.62 14.57 15.20
CA ARG A 272 -15.92 13.89 14.10
C ARG A 272 -16.85 13.06 13.22
N LEU A 273 -16.73 13.27 11.91
CA LEU A 273 -17.47 12.51 10.92
C LEU A 273 -16.50 11.64 10.13
N THR A 274 -16.60 10.33 10.29
CA THR A 274 -15.65 9.41 9.69
C THR A 274 -16.26 8.59 8.56
N ILE A 275 -15.72 8.75 7.36
CA ILE A 275 -16.12 7.96 6.21
C ILE A 275 -15.13 6.82 5.98
N ALA A 276 -15.65 5.60 5.88
CA ALA A 276 -14.82 4.41 5.70
C ALA A 276 -14.75 4.01 4.24
N ASN A 277 -13.53 3.73 3.76
CA ASN A 277 -13.27 3.35 2.38
C ASN A 277 -13.96 4.30 1.38
N PRO A 278 -13.56 5.57 1.37
CA PRO A 278 -14.25 6.59 0.57
C PRO A 278 -14.22 6.31 -0.93
N THR A 279 -15.31 6.63 -1.61
CA THR A 279 -15.40 6.48 -3.06
C THR A 279 -15.52 7.85 -3.70
N VAL A 280 -15.65 7.88 -5.02
CA VAL A 280 -15.82 9.16 -5.72
C VAL A 280 -17.19 9.74 -5.37
N SER A 281 -18.12 8.87 -4.97
CA SER A 281 -19.46 9.29 -4.62
C SER A 281 -19.49 10.00 -3.27
N ASP A 282 -18.57 9.63 -2.39
CA ASP A 282 -18.51 10.22 -1.04
C ASP A 282 -18.04 11.67 -1.08
N ALA A 283 -17.46 12.09 -2.21
CA ALA A 283 -17.00 13.46 -2.37
C ALA A 283 -18.17 14.44 -2.33
N GLY A 284 -17.94 15.62 -1.78
CA GLY A 284 -18.99 16.62 -1.72
C GLY A 284 -18.86 17.64 -0.60
N TYR A 285 -19.91 18.43 -0.40
CA TYR A 285 -19.87 19.53 0.56
C TYR A 285 -20.41 19.10 1.92
N TYR A 286 -19.54 19.12 2.93
CA TYR A 286 -19.90 18.70 4.27
C TYR A 286 -20.03 19.87 5.23
N GLU A 287 -21.17 19.93 5.91
CA GLU A 287 -21.47 21.02 6.82
C GLU A 287 -21.64 20.56 8.26
N CYS A 288 -21.24 21.45 9.17
CA CYS A 288 -21.42 21.27 10.60
C CYS A 288 -22.34 22.36 11.12
N GLU A 289 -23.39 21.95 11.81
CA GLU A 289 -24.36 22.88 12.40
C GLU A 289 -24.39 22.74 13.92
N ALA A 290 -24.12 23.83 14.61
CA ALA A 290 -24.19 23.83 16.07
C ALA A 290 -25.42 24.59 16.54
N MET A 291 -26.21 23.96 17.41
CA MET A 291 -27.43 24.58 17.91
C MET A 291 -27.72 24.15 19.35
N LEU A 292 -28.63 24.84 20.01
CA LEU A 292 -29.09 24.43 21.32
C LEU A 292 -30.34 23.55 21.19
N ARG A 293 -30.37 22.45 21.94
CA ARG A 293 -31.54 21.57 21.96
C ARG A 293 -32.79 22.33 22.41
N SER A 294 -33.88 22.12 21.68
CA SER A 294 -35.17 22.76 21.99
C SER A 294 -35.04 24.28 22.12
N SER A 295 -34.42 24.92 21.15
CA SER A 295 -34.15 26.36 21.28
C SER A 295 -34.92 27.27 20.34
N SER A 296 -34.42 28.48 20.17
CA SER A 296 -35.19 29.52 19.51
C SER A 296 -34.39 30.05 18.34
N VAL A 297 -33.12 29.63 18.28
CA VAL A 297 -32.12 30.34 17.51
C VAL A 297 -31.69 29.60 16.25
N ALA A 298 -31.42 30.37 15.19
CA ALA A 298 -30.79 29.81 14.01
C ALA A 298 -29.45 29.22 14.41
N PRO A 299 -29.19 27.99 13.97
CA PRO A 299 -27.91 27.36 14.32
C PRO A 299 -26.76 28.04 13.59
N VAL A 300 -25.53 27.79 14.01
CA VAL A 300 -24.40 28.35 13.29
C VAL A 300 -23.76 27.24 12.45
N THR A 301 -23.44 27.57 11.20
CA THR A 301 -23.01 26.56 10.23
C THR A 301 -21.65 26.85 9.62
N ARG A 302 -20.81 25.82 9.52
CA ARG A 302 -19.55 25.94 8.81
C ARG A 302 -19.36 24.76 7.85
N GLY A 303 -18.87 25.01 6.65
CA GLY A 303 -18.76 23.97 5.65
C GLY A 303 -17.39 23.81 5.02
N ALA A 304 -17.17 22.65 4.38
CA ALA A 304 -15.92 22.36 3.70
C ALA A 304 -16.08 21.20 2.71
N TYR A 305 -15.29 21.21 1.65
CA TYR A 305 -15.40 20.18 0.62
C TYR A 305 -14.48 18.98 0.86
N LEU A 306 -15.00 17.81 0.56
CA LEU A 306 -14.22 16.58 0.54
C LEU A 306 -14.04 16.13 -0.90
N SER A 307 -12.79 16.14 -1.36
CA SER A 307 -12.43 15.68 -2.70
C SER A 307 -11.86 14.27 -2.63
N VAL A 308 -12.38 13.39 -3.48
CA VAL A 308 -11.89 12.02 -3.53
C VAL A 308 -11.31 11.70 -4.90
N LEU A 309 -10.07 11.24 -4.93
CA LEU A 309 -9.37 11.04 -6.20
C LEU A 309 -9.14 9.58 -6.54
N GLU A 310 -9.00 9.32 -7.84
CA GLU A 310 -8.59 8.01 -8.33
C GLU A 310 -7.30 8.16 -9.14
N PRO A 311 -6.30 7.33 -8.82
CA PRO A 311 -5.04 7.34 -9.58
C PRO A 311 -5.27 7.00 -11.05
N PRO A 312 -4.41 7.53 -11.95
CA PRO A 312 -4.55 7.29 -13.39
C PRO A 312 -4.42 5.81 -13.73
N GLN A 313 -5.14 5.37 -14.75
CA GLN A 313 -5.16 3.97 -15.15
C GLN A 313 -5.59 3.84 -16.60
N PHE A 314 -4.75 3.21 -17.41
CA PHE A 314 -4.99 3.18 -18.86
C PHE A 314 -6.21 2.38 -19.27
N VAL A 315 -6.88 2.85 -20.31
CA VAL A 315 -7.97 2.12 -20.95
C VAL A 315 -7.56 1.79 -22.37
N ARG A 316 -6.48 2.41 -22.80
CA ARG A 316 -5.96 2.24 -24.16
C ARG A 316 -4.45 2.38 -24.20
N GLU A 317 -3.77 1.29 -24.45
CA GLU A 317 -2.34 1.32 -24.51
C GLU A 317 -1.87 1.01 -25.91
N PRO A 318 -0.76 1.76 -26.33
CA PRO A 318 -0.27 1.38 -27.65
C PRO A 318 0.37 0.04 -27.56
N GLU A 319 0.63 -0.59 -28.68
CA GLU A 319 1.25 -1.89 -28.69
C GLU A 319 2.74 -1.77 -28.43
N ARG A 320 3.31 -2.76 -27.76
CA ARG A 320 4.66 -2.61 -27.26
C ARG A 320 5.70 -2.68 -28.34
N HIS A 321 5.26 -2.73 -29.57
CA HIS A 321 6.15 -2.70 -30.70
C HIS A 321 5.39 -2.12 -31.87
N ILE A 322 5.94 -1.08 -32.49
CA ILE A 322 5.23 -0.40 -33.58
C ILE A 322 6.16 -0.13 -34.76
N THR A 323 5.69 -0.38 -35.97
CA THR A 323 6.45 -0.02 -37.16
C THR A 323 5.63 0.81 -38.15
N ALA A 324 6.14 1.99 -38.47
CA ALA A 324 5.53 2.81 -39.50
C ALA A 324 6.57 3.14 -40.56
N GLU A 325 6.14 3.77 -41.65
CA GLU A 325 7.06 3.97 -42.77
C GLU A 325 7.18 5.45 -43.15
N MET A 326 8.40 5.86 -43.49
CA MET A 326 8.65 7.19 -44.04
C MET A 326 8.05 7.28 -45.45
N GLU A 327 7.33 8.36 -45.74
CA GLU A 327 7.12 9.48 -44.83
C GLU A 327 5.68 9.61 -44.35
N LYS A 328 4.98 8.50 -44.18
CA LYS A 328 3.57 8.57 -43.77
C LYS A 328 3.40 9.08 -42.35
N VAL A 329 2.16 9.24 -41.94
CA VAL A 329 1.83 9.69 -40.59
C VAL A 329 1.45 8.48 -39.74
N VAL A 330 1.94 8.44 -38.50
CA VAL A 330 1.59 7.34 -37.61
C VAL A 330 0.89 7.86 -36.36
N ASP A 331 -0.05 7.07 -35.85
CA ASP A 331 -0.76 7.43 -34.62
C ASP A 331 -0.57 6.39 -33.52
N ILE A 332 -0.23 6.88 -32.33
CA ILE A 332 -0.02 6.03 -31.17
C ILE A 332 -1.09 6.34 -30.12
N PRO A 333 -2.00 5.38 -29.90
CA PRO A 333 -3.15 5.59 -29.02
C PRO A 333 -2.82 5.47 -27.54
N CYS A 334 -3.30 6.42 -26.74
CA CYS A 334 -3.06 6.40 -25.30
C CYS A 334 -4.12 7.20 -24.56
N ARG A 335 -5.03 6.50 -23.90
CA ARG A 335 -6.07 7.16 -23.11
C ARG A 335 -6.12 6.62 -21.69
N ALA A 336 -6.25 7.53 -20.73
CA ALA A 336 -6.25 7.15 -19.32
C ALA A 336 -7.54 7.53 -18.62
N LYS A 337 -7.78 6.87 -17.49
CA LYS A 337 -8.97 7.08 -16.67
C LYS A 337 -8.56 7.45 -15.26
N GLY A 338 -9.20 8.46 -14.69
CA GLY A 338 -8.88 8.89 -13.34
C GLY A 338 -9.57 10.17 -12.93
N VAL A 339 -9.48 10.49 -11.64
CA VAL A 339 -10.10 11.69 -11.10
C VAL A 339 -9.07 12.59 -10.43
N PRO A 340 -8.88 13.80 -10.96
CA PRO A 340 -9.50 14.39 -12.16
C PRO A 340 -8.95 13.77 -13.45
N PRO A 341 -9.56 14.07 -14.61
CA PRO A 341 -9.06 13.53 -15.88
C PRO A 341 -7.57 13.77 -16.09
N PRO A 342 -6.78 12.68 -16.08
CA PRO A 342 -5.32 12.71 -16.10
C PRO A 342 -4.74 13.35 -17.36
N SER A 343 -3.64 14.06 -17.20
CA SER A 343 -2.94 14.67 -18.32
C SER A 343 -2.01 13.65 -18.98
N ILE A 344 -1.96 13.71 -20.31
CA ILE A 344 -1.15 12.78 -21.09
C ILE A 344 0.09 13.47 -21.64
N THR A 345 1.26 12.94 -21.29
CA THR A 345 2.53 13.55 -21.66
C THR A 345 3.43 12.55 -22.37
N TRP A 346 4.04 12.97 -23.48
CA TRP A 346 4.85 12.06 -24.29
C TRP A 346 6.35 12.30 -24.16
N TYR A 347 7.11 11.22 -24.20
CA TYR A 347 8.57 11.27 -24.19
C TYR A 347 9.14 10.43 -25.32
N LYS A 348 10.28 10.85 -25.87
CA LYS A 348 11.01 10.01 -26.81
C LYS A 348 12.45 9.88 -26.34
N ASP A 349 12.84 8.65 -26.02
CA ASP A 349 14.16 8.37 -25.47
C ASP A 349 14.43 9.21 -24.23
N ALA A 350 13.47 9.16 -23.30
CA ALA A 350 13.56 9.86 -22.01
C ALA A 350 13.69 11.37 -22.17
N ALA A 351 13.09 11.92 -23.22
CA ALA A 351 13.09 13.35 -23.43
C ALA A 351 11.69 13.83 -23.83
N LEU A 352 11.20 14.85 -23.13
CA LEU A 352 9.87 15.40 -23.37
C LEU A 352 9.67 15.75 -24.84
N VAL A 353 8.74 15.05 -25.49
CA VAL A 353 8.43 15.30 -26.90
C VAL A 353 7.91 16.70 -27.10
N GLU A 354 8.43 17.38 -28.12
CA GLU A 354 8.01 18.74 -28.44
C GLU A 354 6.77 18.73 -29.32
N VAL A 355 5.61 18.95 -28.71
CA VAL A 355 4.35 18.98 -29.42
C VAL A 355 3.90 20.42 -29.65
N GLY A 356 3.35 20.67 -30.82
CA GLY A 356 2.96 22.01 -31.18
C GLY A 356 2.93 22.20 -32.68
N LYS A 357 2.28 23.27 -33.11
CA LYS A 357 1.97 23.45 -34.53
C LYS A 357 3.16 23.79 -35.42
N LEU A 358 4.30 24.11 -34.82
CA LEU A 358 5.50 24.26 -35.61
C LEU A 358 6.36 23.04 -35.41
N THR A 359 5.70 21.89 -35.33
CA THR A 359 6.39 20.63 -35.18
C THR A 359 5.68 19.56 -35.98
N ARG A 360 6.35 18.44 -36.14
CA ARG A 360 5.78 17.33 -36.85
C ARG A 360 5.00 16.49 -35.88
N PHE A 361 5.18 16.77 -34.61
CA PHE A 361 4.45 16.03 -33.59
C PHE A 361 3.20 16.81 -33.19
N LYS A 362 2.08 16.11 -33.01
CA LYS A 362 0.89 16.78 -32.51
C LYS A 362 0.03 15.83 -31.69
N GLN A 363 -0.48 16.34 -30.56
CA GLN A 363 -1.23 15.51 -29.63
C GLN A 363 -2.72 15.80 -29.70
N ARG A 364 -3.49 14.75 -29.99
CA ARG A 364 -4.94 14.85 -29.99
C ARG A 364 -5.43 15.08 -28.57
N SER A 365 -6.50 15.86 -28.42
CA SER A 365 -7.13 16.07 -27.11
C SER A 365 -7.61 14.72 -26.60
N ASP A 366 -7.85 13.81 -27.53
CA ASP A 366 -8.10 12.40 -27.27
C ASP A 366 -7.04 11.83 -26.33
N GLY A 367 -5.79 12.20 -26.55
CA GLY A 367 -4.69 11.71 -25.74
C GLY A 367 -3.57 11.16 -26.60
N GLY A 368 -3.93 10.53 -27.70
CA GLY A 368 -2.96 9.90 -28.59
C GLY A 368 -1.99 10.87 -29.22
N LEU A 369 -0.95 10.32 -29.85
CA LEU A 369 0.11 11.12 -30.46
C LEU A 369 0.22 10.85 -31.96
N GLN A 370 0.21 11.91 -32.76
CA GLN A 370 0.37 11.74 -34.20
C GLN A 370 1.68 12.36 -34.69
N ILE A 371 2.43 11.54 -35.41
CA ILE A 371 3.70 11.97 -36.00
C ILE A 371 3.58 12.06 -37.52
N SER A 372 3.98 13.20 -38.07
CA SER A 372 3.92 13.43 -39.51
C SER A 372 5.31 13.56 -40.11
N GLY A 373 5.44 13.20 -41.39
CA GLY A 373 6.71 13.25 -42.08
C GLY A 373 7.78 12.46 -41.35
N LEU A 374 7.58 11.15 -41.26
CA LEU A 374 8.45 10.29 -40.48
C LEU A 374 9.91 10.33 -40.95
N LEU A 375 10.74 10.96 -40.14
CA LEU A 375 12.18 10.93 -40.35
C LEU A 375 12.71 9.60 -39.83
N PRO A 376 13.80 9.08 -40.41
CA PRO A 376 14.42 7.87 -39.86
C PRO A 376 14.77 8.00 -38.39
N ASP A 377 15.05 9.23 -37.95
CA ASP A 377 15.42 9.51 -36.56
C ASP A 377 14.23 9.44 -35.61
N ASP A 378 13.03 9.27 -36.15
CA ASP A 378 11.84 9.09 -35.32
C ASP A 378 11.83 7.69 -34.70
N THR A 379 12.79 6.88 -35.09
CA THR A 379 12.98 5.54 -34.53
C THR A 379 13.48 5.62 -33.10
N GLY A 380 12.84 4.87 -32.21
CA GLY A 380 13.26 4.83 -30.82
C GLY A 380 12.14 4.47 -29.87
N MET A 381 12.36 4.73 -28.58
CA MET A 381 11.37 4.41 -27.56
C MET A 381 10.47 5.60 -27.26
N LEU A 382 9.17 5.38 -27.34
CA LEU A 382 8.19 6.39 -26.97
C LEU A 382 7.54 6.00 -25.64
N GLN A 383 7.29 6.99 -24.79
CA GLN A 383 6.69 6.72 -23.50
C GLN A 383 5.52 7.66 -23.21
N CYS A 384 4.37 7.05 -22.93
CA CYS A 384 3.18 7.79 -22.55
C CYS A 384 3.03 7.80 -21.03
N PHE A 385 2.96 9.01 -20.47
CA PHE A 385 2.79 9.22 -19.05
C PHE A 385 1.42 9.82 -18.75
N ALA A 386 0.65 9.13 -17.92
CA ALA A 386 -0.64 9.66 -17.46
C ALA A 386 -0.51 10.15 -16.03
N HIS A 387 -0.64 11.47 -15.84
CA HIS A 387 -0.41 12.05 -14.52
C HIS A 387 -1.62 12.79 -13.95
N ASN A 388 -1.86 12.60 -12.66
CA ASN A 388 -2.69 13.54 -11.92
C ASN A 388 -2.22 13.60 -10.47
N ALA A 389 -2.87 14.47 -9.68
CA ALA A 389 -2.42 14.77 -8.32
C ALA A 389 -2.29 13.54 -7.43
N ALA A 390 -2.98 12.46 -7.80
CA ALA A 390 -3.00 11.25 -6.97
C ALA A 390 -2.22 10.09 -7.59
N GLY A 391 -1.46 10.34 -8.64
CA GLY A 391 -0.66 9.28 -9.22
C GLY A 391 -0.13 9.44 -10.63
N GLU A 392 0.61 8.43 -11.07
CA GLU A 392 1.30 8.43 -12.34
C GLU A 392 1.37 7.03 -12.94
N ALA A 393 0.96 6.91 -14.20
CA ALA A 393 1.06 5.64 -14.91
C ALA A 393 1.90 5.85 -16.17
N GLN A 394 2.47 4.77 -16.70
CA GLN A 394 3.34 4.90 -17.87
C GLN A 394 3.34 3.64 -18.74
N THR A 395 3.42 3.83 -20.06
CA THR A 395 3.64 2.71 -20.97
C THR A 395 4.65 3.10 -22.04
N SER A 396 5.33 2.10 -22.59
CA SER A 396 6.32 2.34 -23.62
C SER A 396 6.01 1.58 -24.90
N THR A 397 6.49 2.10 -26.01
CA THR A 397 6.42 1.41 -27.29
C THR A 397 7.71 1.62 -28.06
N TYR A 398 8.09 0.64 -28.88
CA TYR A 398 9.23 0.83 -29.76
C TYR A 398 8.73 1.20 -31.15
N LEU A 399 8.98 2.46 -31.54
CA LEU A 399 8.61 2.91 -32.88
C LEU A 399 9.78 2.72 -33.83
N ALA A 400 9.56 1.92 -34.87
CA ALA A 400 10.58 1.69 -35.88
C ALA A 400 10.14 2.26 -37.23
N VAL A 401 11.04 3.00 -37.87
CA VAL A 401 10.75 3.61 -39.17
C VAL A 401 11.28 2.75 -40.30
N THR A 402 10.47 2.56 -41.33
CA THR A 402 10.85 1.75 -42.49
C THR A 402 10.50 2.46 -43.79
N SER A 403 10.33 1.67 -44.85
CA SER A 403 10.00 2.22 -46.15
C SER A 403 11.21 2.84 -46.83
N ASP B 27 -11.65 6.65 33.74
CA ASP B 27 -11.12 5.34 33.39
C ASP B 27 -11.32 5.02 31.91
N VAL B 28 -10.39 5.50 31.09
CA VAL B 28 -10.47 5.27 29.64
C VAL B 28 -10.03 3.85 29.29
N PRO B 29 -10.50 3.35 28.06
CA PRO B 29 -10.05 2.00 27.77
C PRO B 29 -8.89 1.98 26.79
N PRO B 30 -8.65 0.78 26.11
CA PRO B 30 -7.52 0.84 25.18
C PRO B 30 -7.97 1.02 23.74
N TYR B 31 -7.19 1.77 22.96
CA TYR B 31 -7.52 2.01 21.56
C TYR B 31 -6.28 2.43 20.78
N PHE B 32 -6.19 1.96 19.54
CA PHE B 32 -5.06 2.27 18.68
C PHE B 32 -5.30 3.54 17.87
N LYS B 33 -4.35 4.47 17.94
CA LYS B 33 -4.44 5.71 17.17
C LYS B 33 -4.15 5.42 15.70
N THR B 34 -3.13 4.62 15.44
CA THR B 34 -2.81 4.16 14.09
C THR B 34 -2.36 2.71 14.10
N GLU B 35 -2.64 2.00 13.01
CA GLU B 35 -2.16 0.62 12.85
C GLU B 35 -0.97 0.61 11.90
N PRO B 36 -0.08 -0.38 12.05
CA PRO B 36 1.07 -0.50 11.14
C PRO B 36 0.66 -1.02 9.76
N VAL B 37 1.54 -0.85 8.78
CA VAL B 37 1.32 -1.44 7.46
C VAL B 37 1.34 -2.96 7.58
N ARG B 38 0.55 -3.63 6.75
CA ARG B 38 0.47 -5.08 6.78
C ARG B 38 1.83 -5.72 6.50
N THR B 39 2.49 -5.24 5.45
CA THR B 39 3.78 -5.80 5.03
C THR B 39 4.83 -4.71 4.87
N GLN B 40 6.05 -4.99 5.30
CA GLN B 40 7.15 -4.06 5.13
C GLN B 40 8.47 -4.80 4.90
N VAL B 41 9.17 -4.40 3.84
CA VAL B 41 10.42 -5.04 3.46
C VAL B 41 11.62 -4.18 3.89
N HIS B 42 12.62 -4.80 4.50
CA HIS B 42 13.82 -4.10 4.91
C HIS B 42 15.07 -4.87 4.51
N LEU B 43 16.19 -4.16 4.41
CA LEU B 43 17.45 -4.77 4.01
C LEU B 43 18.13 -5.45 5.19
N GLU B 44 18.77 -6.57 4.90
CA GLU B 44 19.59 -7.26 5.88
C GLU B 44 20.72 -6.35 6.33
N GLY B 45 20.84 -6.14 7.63
CA GLY B 45 21.87 -5.29 8.19
C GLY B 45 21.38 -3.96 8.71
N ASN B 46 20.16 -3.59 8.32
CA ASN B 46 19.58 -2.32 8.73
C ASN B 46 18.85 -2.37 10.07
N ARG B 47 18.79 -1.23 10.74
CA ARG B 47 18.08 -1.11 12.00
C ARG B 47 16.57 -1.07 11.75
N LEU B 48 15.79 -1.61 12.68
CA LEU B 48 14.35 -1.70 12.51
C LEU B 48 13.61 -1.43 13.82
N VAL B 49 12.73 -0.44 13.83
CA VAL B 49 11.98 -0.11 15.04
C VAL B 49 10.48 -0.32 14.85
N LEU B 50 9.95 -1.36 15.48
CA LEU B 50 8.50 -1.56 15.52
C LEU B 50 7.93 -0.80 16.70
N THR B 51 6.72 -0.25 16.54
CA THR B 51 6.14 0.55 17.61
C THR B 51 4.68 0.19 17.85
N CYS B 52 4.30 0.17 19.12
CA CYS B 52 2.91 -0.06 19.51
C CYS B 52 2.25 1.28 19.85
N MET B 53 1.45 1.79 18.92
CA MET B 53 0.85 3.11 19.07
C MET B 53 -0.57 3.03 19.61
N ALA B 54 -0.71 3.18 20.92
CA ALA B 54 -2.01 3.10 21.54
C ALA B 54 -2.16 4.14 22.65
N GLU B 55 -3.40 4.45 22.99
CA GLU B 55 -3.68 5.32 24.14
C GLU B 55 -4.68 4.67 25.07
N GLY B 56 -4.92 5.33 26.20
CA GLY B 56 -5.74 4.79 27.26
C GLY B 56 -5.18 5.26 28.58
N SER B 57 -5.84 4.90 29.68
CA SER B 57 -5.45 5.39 30.99
C SER B 57 -4.24 4.66 31.57
N TRP B 58 -3.82 5.09 32.75
CA TRP B 58 -2.65 4.54 33.42
C TRP B 58 -3.00 3.26 34.18
N PRO B 59 -2.11 2.26 34.16
CA PRO B 59 -0.84 2.25 33.43
C PRO B 59 -0.91 1.48 32.11
N LEU B 60 -0.48 2.12 31.03
CA LEU B 60 -0.48 1.47 29.73
C LEU B 60 0.76 0.61 29.55
N GLU B 61 0.55 -0.68 29.32
CA GLU B 61 1.66 -1.61 29.16
C GLU B 61 1.60 -2.33 27.82
N PHE B 62 2.75 -2.77 27.33
CA PHE B 62 2.85 -3.36 26.00
C PHE B 62 3.57 -4.70 26.00
N LYS B 63 3.13 -5.61 25.15
CA LYS B 63 3.77 -6.91 25.00
C LYS B 63 3.92 -7.27 23.52
N TRP B 64 5.06 -7.81 23.13
CA TRP B 64 5.28 -8.13 21.72
C TRP B 64 5.18 -9.62 21.40
N LEU B 65 4.69 -9.91 20.20
CA LEU B 65 4.52 -11.27 19.72
C LEU B 65 5.20 -11.44 18.36
N HIS B 66 5.92 -12.55 18.20
CA HIS B 66 6.53 -12.89 16.93
C HIS B 66 6.06 -14.26 16.46
N ASN B 67 5.44 -14.29 15.28
CA ASN B 67 4.79 -15.49 14.77
C ASN B 67 3.85 -16.09 15.82
N ASN B 68 3.10 -15.22 16.48
CA ASN B 68 2.08 -15.59 17.46
C ASN B 68 2.65 -16.28 18.70
N ARG B 69 3.94 -16.06 18.96
CA ARG B 69 4.56 -16.53 20.20
C ARG B 69 5.05 -15.32 21.00
N GLU B 70 5.01 -15.43 22.33
CA GLU B 70 5.45 -14.33 23.18
C GLU B 70 6.91 -13.97 22.90
N LEU B 71 7.14 -12.68 22.64
CA LEU B 71 8.46 -12.19 22.31
C LEU B 71 9.05 -11.45 23.50
N THR B 72 8.22 -10.68 24.19
CA THR B 72 8.61 -9.97 25.40
C THR B 72 7.51 -10.05 26.46
N ARG B 73 7.80 -9.55 27.65
CA ARG B 73 6.78 -9.45 28.70
C ARG B 73 6.19 -8.05 28.74
N PHE B 74 5.09 -7.89 29.48
CA PHE B 74 4.44 -6.59 29.63
C PHE B 74 5.36 -5.59 30.35
N SER B 75 5.52 -4.42 29.73
CA SER B 75 6.30 -3.34 30.33
C SER B 75 5.93 -2.00 29.69
N LEU B 76 6.62 -0.94 30.08
CA LEU B 76 6.31 0.40 29.60
C LEU B 76 6.90 0.67 28.22
N GLU B 77 7.77 -0.22 27.77
CA GLU B 77 8.36 -0.09 26.45
C GLU B 77 7.35 -0.41 25.36
N TYR B 78 7.14 0.55 24.47
CA TYR B 78 6.16 0.39 23.38
C TYR B 78 6.87 0.05 22.07
N ARG B 79 8.20 0.03 22.12
CA ARG B 79 8.99 -0.29 20.94
C ARG B 79 9.55 -1.70 20.99
N TYR B 80 9.69 -2.31 19.83
CA TYR B 80 10.55 -3.48 19.69
C TYR B 80 11.64 -3.15 18.69
N MET B 81 12.88 -3.14 19.16
CA MET B 81 14.01 -2.75 18.34
C MET B 81 14.83 -3.95 17.89
N ILE B 82 15.12 -3.98 16.59
CA ILE B 82 16.08 -4.92 16.03
C ILE B 82 17.26 -4.13 15.49
N THR B 83 18.36 -4.16 16.24
CA THR B 83 19.54 -3.35 15.93
C THR B 83 20.08 -3.61 14.53
N SER B 84 20.30 -4.89 14.22
CA SER B 84 20.83 -5.28 12.92
C SER B 84 19.98 -6.41 12.35
N LEU B 85 19.17 -6.09 11.35
CA LEU B 85 18.21 -7.03 10.81
C LEU B 85 18.86 -8.23 10.12
N ASP B 86 18.53 -9.41 10.60
CA ASP B 86 19.00 -10.65 10.00
C ASP B 86 17.85 -11.34 9.28
N ARG B 87 18.16 -12.24 8.36
CA ARG B 87 17.14 -12.91 7.56
C ARG B 87 16.23 -13.79 8.40
N THR B 88 16.71 -14.20 9.57
CA THR B 88 15.94 -15.06 10.47
C THR B 88 14.94 -14.25 11.28
N HIS B 89 14.91 -12.95 11.07
CA HIS B 89 13.97 -12.07 11.75
C HIS B 89 12.69 -11.92 10.95
N ALA B 90 12.70 -12.43 9.72
CA ALA B 90 11.52 -12.38 8.86
C ALA B 90 10.35 -13.13 9.49
N GLY B 91 9.15 -12.59 9.33
CA GLY B 91 7.97 -13.22 9.91
C GLY B 91 6.94 -12.21 10.35
N PHE B 92 6.08 -12.61 11.29
CA PHE B 92 5.01 -11.73 11.73
C PHE B 92 5.24 -11.19 13.13
N TYR B 93 4.90 -9.92 13.33
CA TYR B 93 5.04 -9.26 14.61
C TYR B 93 3.75 -8.51 14.96
N ARG B 94 3.41 -8.48 16.25
CA ARG B 94 2.27 -7.67 16.67
C ARG B 94 2.36 -7.29 18.14
N CYS B 95 1.59 -6.29 18.53
CA CYS B 95 1.62 -5.80 19.91
C CYS B 95 0.33 -6.11 20.66
N ILE B 96 0.44 -6.09 21.99
CA ILE B 96 -0.69 -6.23 22.88
C ILE B 96 -0.64 -5.08 23.87
N VAL B 97 -1.66 -4.22 23.85
CA VAL B 97 -1.68 -3.10 24.77
C VAL B 97 -2.72 -3.35 25.88
N ARG B 98 -2.26 -3.30 27.12
CA ARG B 98 -3.08 -3.64 28.26
C ARG B 98 -3.09 -2.56 29.32
N ASN B 99 -4.26 -2.32 29.92
CA ASN B 99 -4.35 -1.62 31.18
C ASN B 99 -5.50 -2.19 32.01
N ARG B 100 -5.84 -1.53 33.10
CA ARG B 100 -6.83 -2.02 34.06
C ARG B 100 -8.18 -2.33 33.40
N MET B 101 -8.50 -1.63 32.32
CA MET B 101 -9.75 -1.84 31.61
C MET B 101 -9.76 -3.15 30.84
N GLY B 102 -8.62 -3.51 30.26
CA GLY B 102 -8.52 -4.71 29.46
C GLY B 102 -7.32 -4.71 28.54
N ALA B 103 -7.35 -5.57 27.52
CA ALA B 103 -6.23 -5.71 26.60
C ALA B 103 -6.68 -5.69 25.14
N LEU B 104 -5.77 -5.30 24.25
CA LEU B 104 -6.08 -5.13 22.84
C LEU B 104 -4.95 -5.65 21.95
N LEU B 105 -5.31 -6.47 20.97
CA LEU B 105 -4.34 -7.07 20.07
C LEU B 105 -4.13 -6.18 18.84
N GLN B 106 -2.87 -5.88 18.54
CA GLN B 106 -2.54 -5.00 17.42
C GLN B 106 -2.69 -5.73 16.08
N ARG B 107 -2.85 -4.97 15.01
CA ARG B 107 -2.84 -5.53 13.67
C ARG B 107 -1.49 -6.17 13.39
N GLN B 108 -1.53 -7.43 12.93
CA GLN B 108 -0.31 -8.17 12.63
C GLN B 108 0.41 -7.57 11.44
N THR B 109 1.73 -7.42 11.55
CA THR B 109 2.54 -6.91 10.45
C THR B 109 3.53 -7.98 10.03
N GLU B 110 3.91 -7.99 8.75
CA GLU B 110 4.92 -8.93 8.29
C GLU B 110 6.21 -8.21 7.90
N VAL B 111 7.28 -8.56 8.60
CA VAL B 111 8.61 -8.08 8.24
C VAL B 111 9.26 -9.07 7.28
N GLN B 112 9.46 -8.61 6.05
CA GLN B 112 10.17 -9.37 5.04
C GLN B 112 11.59 -8.83 4.94
N VAL B 113 12.59 -9.71 5.04
CA VAL B 113 13.97 -9.26 5.05
C VAL B 113 14.68 -9.58 3.73
N ALA B 114 15.13 -8.54 3.05
CA ALA B 114 15.78 -8.69 1.75
C ALA B 114 17.21 -9.17 1.87
N TYR B 115 17.48 -10.34 1.29
CA TYR B 115 18.83 -10.91 1.29
C TYR B 115 19.05 -11.72 0.01
N MET B 116 20.31 -12.04 -0.27
CA MET B 116 20.65 -12.94 -1.36
C MET B 116 21.95 -13.68 -1.09
N GLY B 117 21.91 -15.01 -1.17
CA GLY B 117 23.07 -15.84 -0.93
C GLY B 117 23.90 -16.06 -2.17
N SER B 118 24.23 -17.32 -2.44
CA SER B 118 25.08 -17.67 -3.57
C SER B 118 24.65 -18.97 -4.23
N PHE B 119 25.06 -19.15 -5.48
CA PHE B 119 24.88 -20.43 -6.16
C PHE B 119 25.95 -21.40 -5.66
N GLU B 120 25.56 -22.26 -4.71
CA GLU B 120 26.53 -23.15 -4.07
C GLU B 120 26.74 -24.44 -4.85
N GLU B 121 25.84 -24.73 -5.77
CA GLU B 121 25.93 -25.94 -6.58
C GLU B 121 26.94 -25.80 -7.70
N GLY B 122 27.69 -26.86 -7.97
CA GLY B 122 28.74 -26.83 -8.97
C GLY B 122 28.24 -27.00 -10.39
N GLU B 123 29.18 -27.26 -11.31
CA GLU B 123 28.85 -27.46 -12.71
C GLU B 123 27.92 -28.65 -12.90
N LYS B 124 27.07 -28.59 -13.92
CA LYS B 124 26.14 -29.67 -14.20
C LYS B 124 26.05 -29.96 -15.69
N ARG B 125 25.57 -31.16 -16.04
CA ARG B 125 25.44 -31.55 -17.42
C ARG B 125 24.06 -32.16 -17.70
N GLN B 126 23.68 -32.17 -18.97
CA GLN B 126 22.31 -32.49 -19.38
C GLN B 126 22.28 -32.78 -20.88
N SER B 127 21.34 -33.61 -21.33
CA SER B 127 21.28 -33.98 -22.73
C SER B 127 19.87 -33.93 -23.30
N VAL B 128 19.75 -33.79 -24.61
CA VAL B 128 18.47 -33.68 -25.28
C VAL B 128 18.47 -34.43 -26.61
N ASN B 129 17.59 -35.41 -26.75
CA ASN B 129 17.41 -36.07 -28.04
C ASN B 129 16.92 -35.07 -29.07
N HIS B 130 17.33 -35.27 -30.33
CA HIS B 130 17.05 -34.29 -31.35
C HIS B 130 15.56 -34.03 -31.55
N GLY B 131 15.14 -32.79 -31.33
CA GLY B 131 13.80 -32.37 -31.68
C GLY B 131 12.81 -32.24 -30.54
N GLU B 132 13.17 -32.70 -29.35
CA GLU B 132 12.28 -32.58 -28.21
C GLU B 132 12.58 -31.32 -27.42
N ALA B 133 12.06 -31.25 -26.21
CA ALA B 133 12.25 -30.07 -25.36
C ALA B 133 13.65 -30.03 -24.76
N ALA B 134 14.04 -28.86 -24.28
CA ALA B 134 15.26 -28.72 -23.51
C ALA B 134 14.95 -27.90 -22.26
N VAL B 135 14.68 -28.58 -21.17
CA VAL B 135 14.28 -27.93 -19.92
C VAL B 135 15.44 -27.79 -18.95
N ILE B 136 15.88 -26.55 -18.74
CA ILE B 136 16.92 -26.27 -17.78
C ILE B 136 16.39 -25.36 -16.68
N ARG B 137 16.00 -25.96 -15.56
CA ARG B 137 15.61 -25.19 -14.39
C ARG B 137 16.79 -24.37 -13.90
N ALA B 138 16.51 -23.15 -13.46
CA ALA B 138 17.56 -22.25 -13.01
C ALA B 138 18.22 -22.78 -11.73
N PRO B 139 19.56 -22.71 -11.67
CA PRO B 139 20.35 -23.10 -10.49
C PRO B 139 19.81 -22.47 -9.20
N ARG B 140 19.60 -23.26 -8.13
CA ARG B 140 19.07 -22.70 -6.87
C ARG B 140 19.98 -21.75 -6.18
N ILE B 141 19.37 -20.66 -5.81
CA ILE B 141 20.03 -19.75 -4.94
C ILE B 141 19.04 -19.33 -3.85
N SER B 142 19.56 -19.08 -2.65
CA SER B 142 18.75 -18.56 -1.56
C SER B 142 18.62 -17.05 -1.69
N SER B 143 17.39 -16.55 -1.59
CA SER B 143 17.15 -15.12 -1.81
C SER B 143 15.75 -14.65 -1.42
N PHE B 144 15.66 -13.36 -1.10
CA PHE B 144 14.37 -12.67 -1.06
C PHE B 144 14.53 -11.18 -1.40
N PRO B 145 13.67 -10.67 -2.28
CA PRO B 145 12.66 -11.45 -3.01
C PRO B 145 13.32 -12.27 -4.12
N ARG B 146 12.55 -13.07 -4.85
CA ARG B 146 13.11 -13.86 -5.92
C ARG B 146 13.84 -12.95 -6.90
N PRO B 147 15.04 -13.37 -7.32
CA PRO B 147 15.86 -12.52 -8.19
C PRO B 147 15.29 -12.40 -9.59
N GLN B 148 15.78 -11.42 -10.35
CA GLN B 148 15.54 -11.41 -11.77
C GLN B 148 16.65 -12.24 -12.41
N VAL B 149 16.24 -13.16 -13.27
CA VAL B 149 17.15 -14.12 -13.89
C VAL B 149 17.33 -13.84 -15.37
N THR B 150 18.58 -13.61 -15.76
CA THR B 150 18.90 -13.54 -17.19
C THR B 150 19.67 -14.79 -17.57
N TRP B 151 19.19 -15.50 -18.58
CA TRP B 151 19.84 -16.70 -19.06
C TRP B 151 20.87 -16.39 -20.10
N PHE B 152 22.01 -17.03 -20.03
CA PHE B 152 23.11 -16.74 -20.92
C PHE B 152 23.61 -17.95 -21.66
N ARG B 153 24.33 -17.69 -22.75
CA ARG B 153 25.23 -18.67 -23.31
C ARG B 153 26.42 -18.19 -24.13
N ASP B 154 27.61 -18.71 -23.81
CA ASP B 154 28.74 -18.75 -24.72
C ASP B 154 29.24 -17.44 -25.33
N GLY B 155 28.99 -16.27 -24.74
CA GLY B 155 28.26 -16.08 -23.52
C GLY B 155 27.51 -14.76 -23.67
N ARG B 156 26.46 -14.81 -24.48
CA ARG B 156 25.55 -13.71 -24.71
C ARG B 156 24.22 -14.06 -24.08
N LYS B 157 23.38 -13.07 -23.86
CA LYS B 157 22.12 -13.30 -23.16
C LYS B 157 21.16 -14.03 -24.04
N ILE B 158 20.29 -14.79 -23.42
CA ILE B 158 19.27 -15.45 -24.19
C ILE B 158 17.96 -14.71 -24.08
N PRO B 159 17.51 -14.13 -25.18
CA PRO B 159 16.14 -13.61 -25.18
C PRO B 159 15.17 -14.74 -25.50
N PRO B 160 13.89 -14.57 -25.15
CA PRO B 160 12.92 -15.56 -25.63
C PRO B 160 12.62 -15.36 -27.12
N SER B 161 12.28 -16.43 -27.79
CA SER B 161 11.91 -16.37 -29.20
C SER B 161 10.74 -17.31 -29.48
N SER B 162 10.50 -17.59 -30.75
CA SER B 162 9.43 -18.53 -31.10
C SER B 162 9.80 -19.94 -30.64
N ARG B 163 11.09 -20.16 -30.43
CA ARG B 163 11.59 -21.48 -30.05
C ARG B 163 12.23 -21.50 -28.67
N ILE B 164 12.28 -20.35 -28.02
CA ILE B 164 12.85 -20.27 -26.67
C ILE B 164 11.91 -19.59 -25.70
N ALA B 165 11.59 -20.28 -24.62
CA ALA B 165 10.71 -19.75 -23.58
C ALA B 165 11.44 -19.60 -22.25
N ILE B 166 11.15 -18.52 -21.55
CA ILE B 166 11.60 -18.36 -20.18
C ILE B 166 10.37 -18.32 -19.28
N THR B 167 10.16 -19.39 -18.51
CA THR B 167 8.97 -19.52 -17.69
C THR B 167 8.95 -18.52 -16.54
N LEU B 168 7.81 -18.42 -15.86
CA LEU B 168 7.64 -17.52 -14.74
C LEU B 168 8.56 -17.88 -13.57
N GLU B 169 9.07 -19.11 -13.59
CA GLU B 169 10.00 -19.59 -12.58
C GLU B 169 11.42 -19.62 -13.13
N ASN B 170 11.61 -18.88 -14.22
CA ASN B 170 12.92 -18.67 -14.85
C ASN B 170 13.58 -19.94 -15.39
N THR B 171 12.78 -20.97 -15.64
CA THR B 171 13.28 -22.18 -16.29
C THR B 171 13.47 -21.93 -17.78
N LEU B 172 14.64 -22.24 -18.30
CA LEU B 172 14.91 -22.05 -19.72
C LEU B 172 14.46 -23.24 -20.54
N VAL B 173 13.51 -23.02 -21.44
CA VAL B 173 12.99 -24.10 -22.27
C VAL B 173 13.28 -23.88 -23.75
N ILE B 174 13.97 -24.82 -24.36
CA ILE B 174 14.26 -24.74 -25.79
C ILE B 174 13.38 -25.71 -26.57
N LEU B 175 12.58 -25.15 -27.48
CA LEU B 175 11.66 -25.96 -28.29
C LEU B 175 12.30 -26.35 -29.62
N SER B 176 11.89 -27.51 -30.14
CA SER B 176 12.38 -28.02 -31.42
C SER B 176 13.90 -28.01 -31.50
N THR B 177 14.53 -28.79 -30.62
CA THR B 177 15.98 -28.75 -30.45
C THR B 177 16.75 -29.15 -31.71
N VAL B 178 17.71 -28.32 -32.08
CA VAL B 178 18.65 -28.64 -33.14
C VAL B 178 20.04 -28.82 -32.53
N ALA B 179 21.01 -29.23 -33.34
CA ALA B 179 22.37 -29.46 -32.85
C ALA B 179 23.04 -28.19 -32.28
N PRO B 180 22.89 -27.04 -32.98
CA PRO B 180 23.49 -25.83 -32.37
C PRO B 180 22.77 -25.29 -31.14
N ASP B 181 21.90 -26.10 -30.52
CA ASP B 181 21.31 -25.74 -29.23
C ASP B 181 22.20 -26.26 -28.11
N ALA B 182 23.22 -27.03 -28.49
CA ALA B 182 24.12 -27.66 -27.54
C ALA B 182 25.24 -26.71 -27.09
N GLY B 183 25.42 -26.60 -25.77
CA GLY B 183 26.44 -25.71 -25.23
C GLY B 183 26.26 -25.43 -23.74
N ARG B 184 27.12 -24.57 -23.20
CA ARG B 184 27.07 -24.24 -21.78
C ARG B 184 26.13 -23.06 -21.51
N TYR B 185 25.07 -23.33 -20.77
CA TYR B 185 24.07 -22.32 -20.45
C TYR B 185 24.14 -21.97 -18.97
N TYR B 186 24.19 -20.68 -18.64
CA TYR B 186 24.26 -20.29 -17.22
C TYR B 186 23.33 -19.13 -16.89
N VAL B 187 23.32 -18.71 -15.63
CA VAL B 187 22.32 -17.77 -15.13
C VAL B 187 22.92 -16.61 -14.35
N GLN B 188 22.44 -15.40 -14.65
CA GLN B 188 22.70 -14.24 -13.80
C GLN B 188 21.48 -13.93 -12.94
N ALA B 189 21.69 -13.80 -11.64
CA ALA B 189 20.60 -13.48 -10.73
C ALA B 189 20.85 -12.15 -10.03
N VAL B 190 19.86 -11.26 -10.10
CA VAL B 190 19.97 -9.97 -9.44
C VAL B 190 18.82 -9.73 -8.47
N ASN B 191 19.16 -9.45 -7.22
CA ASN B 191 18.17 -9.04 -6.22
C ASN B 191 17.83 -7.57 -6.43
N ASP B 192 16.56 -7.29 -6.70
CA ASP B 192 16.16 -5.92 -7.03
C ASP B 192 15.97 -5.06 -5.78
N LYS B 193 16.20 -5.64 -4.61
CA LYS B 193 15.98 -4.92 -3.36
C LYS B 193 17.28 -4.50 -2.68
N ASN B 194 18.33 -5.30 -2.78
CA ASN B 194 19.62 -4.90 -2.23
C ASN B 194 20.74 -4.87 -3.28
N GLY B 195 20.37 -5.08 -4.54
CA GLY B 195 21.28 -4.87 -5.65
C GLY B 195 22.30 -5.96 -5.94
N ASP B 196 22.28 -7.03 -5.17
CA ASP B 196 23.28 -8.10 -5.32
C ASP B 196 23.22 -8.79 -6.68
N ASN B 197 24.39 -9.14 -7.21
CA ASN B 197 24.53 -9.79 -8.50
C ASN B 197 25.35 -11.07 -8.37
N LYS B 198 24.72 -12.21 -8.60
CA LYS B 198 25.44 -13.48 -8.49
C LYS B 198 25.26 -14.34 -9.74
N THR B 199 26.36 -14.96 -10.18
CA THR B 199 26.33 -15.83 -11.35
C THR B 199 26.49 -17.29 -10.95
N SER B 200 25.75 -18.18 -11.61
CA SER B 200 25.79 -19.59 -11.30
C SER B 200 26.89 -20.32 -12.06
N GLN B 201 27.04 -21.61 -11.77
CA GLN B 201 27.96 -22.46 -12.52
C GLN B 201 27.29 -22.92 -13.80
N PRO B 202 28.08 -23.07 -14.87
CA PRO B 202 27.52 -23.43 -16.19
C PRO B 202 26.82 -24.78 -16.20
N ILE B 203 25.92 -24.96 -17.17
CA ILE B 203 25.27 -26.24 -17.37
C ILE B 203 25.43 -26.66 -18.83
N THR B 204 26.21 -27.71 -19.05
CA THR B 204 26.45 -28.21 -20.40
C THR B 204 25.23 -28.95 -20.93
N LEU B 205 24.87 -28.65 -22.17
CA LEU B 205 23.76 -29.33 -22.83
C LEU B 205 24.26 -30.01 -24.11
N ALA B 206 24.02 -31.31 -24.21
CA ALA B 206 24.39 -32.07 -25.40
C ALA B 206 23.15 -32.45 -26.19
N VAL B 207 23.33 -32.75 -27.47
CA VAL B 207 22.22 -33.12 -28.34
C VAL B 207 22.56 -34.36 -29.17
N ASP B 215 9.03 -37.71 -40.22
CA ASP B 215 8.35 -38.18 -39.03
C ASP B 215 8.29 -37.09 -37.96
N PRO B 216 7.32 -36.17 -38.08
CA PRO B 216 7.16 -35.00 -37.20
C PRO B 216 6.81 -35.36 -35.76
N ILE B 217 6.46 -34.35 -34.96
CA ILE B 217 6.22 -34.52 -33.52
C ILE B 217 4.94 -33.84 -33.06
N ALA B 218 4.06 -34.61 -32.43
CA ALA B 218 2.77 -34.13 -31.94
C ALA B 218 2.91 -33.02 -30.90
N PRO B 219 1.87 -32.20 -30.74
CA PRO B 219 1.88 -31.16 -29.71
C PRO B 219 2.01 -31.73 -28.30
N THR B 220 2.68 -30.98 -27.43
CA THR B 220 2.94 -31.42 -26.07
C THR B 220 2.93 -30.19 -25.17
N ILE B 221 2.50 -30.33 -23.92
CA ILE B 221 2.56 -29.20 -23.00
C ILE B 221 3.67 -29.41 -21.97
N ILE B 222 4.81 -28.77 -22.24
CA ILE B 222 5.99 -28.92 -21.41
C ILE B 222 5.84 -28.18 -20.09
N ILE B 223 5.15 -27.04 -20.14
CA ILE B 223 4.85 -26.27 -18.93
C ILE B 223 3.36 -25.93 -18.90
N PRO B 224 2.60 -26.64 -18.05
CA PRO B 224 1.15 -26.43 -17.93
C PRO B 224 0.82 -25.22 -17.05
N PRO B 225 -0.37 -24.64 -17.24
CA PRO B 225 -0.82 -23.53 -16.39
C PRO B 225 -0.99 -23.98 -14.94
N LYS B 226 -0.45 -23.19 -14.01
CA LYS B 226 -0.55 -23.50 -12.59
C LYS B 226 -1.80 -22.87 -12.00
N ASN B 227 -2.30 -23.44 -10.92
CA ASN B 227 -3.34 -22.78 -10.14
C ASN B 227 -2.75 -21.51 -9.53
N THR B 228 -3.29 -20.36 -9.92
CA THR B 228 -2.72 -19.07 -9.51
C THR B 228 -3.73 -18.26 -8.72
N SER B 229 -3.23 -17.42 -7.82
CA SER B 229 -4.06 -16.49 -7.08
C SER B 229 -3.51 -15.07 -7.20
N VAL B 230 -4.39 -14.08 -7.10
CA VAL B 230 -3.98 -12.69 -7.14
C VAL B 230 -4.97 -11.82 -6.39
N VAL B 231 -4.46 -10.90 -5.57
CA VAL B 231 -5.33 -9.98 -4.84
C VAL B 231 -5.85 -8.91 -5.79
N ALA B 232 -7.17 -8.70 -5.76
CA ALA B 232 -7.82 -7.77 -6.67
C ALA B 232 -7.26 -6.36 -6.56
N GLY B 233 -7.17 -5.67 -7.68
CA GLY B 233 -6.67 -4.30 -7.71
C GLY B 233 -5.25 -4.22 -8.23
N THR B 234 -4.38 -5.10 -7.72
CA THR B 234 -2.97 -5.13 -8.12
C THR B 234 -2.83 -5.22 -9.64
N SER B 235 -1.76 -4.62 -10.15
CA SER B 235 -1.61 -4.32 -11.58
C SER B 235 -1.94 -5.47 -12.53
N GLU B 236 -1.19 -6.56 -12.46
CA GLU B 236 -1.35 -7.63 -13.46
C GLU B 236 -1.16 -9.03 -12.89
N VAL B 237 -1.94 -9.97 -13.40
CA VAL B 237 -1.73 -11.39 -13.10
C VAL B 237 -1.55 -12.13 -14.43
N THR B 238 -0.63 -13.09 -14.45
CA THR B 238 -0.30 -13.79 -15.69
C THR B 238 -0.35 -15.30 -15.57
N MET B 239 -1.21 -15.93 -16.37
CA MET B 239 -1.20 -17.37 -16.55
C MET B 239 -0.29 -17.70 -17.72
N GLU B 240 0.29 -18.88 -17.75
CA GLU B 240 1.10 -19.25 -18.90
C GLU B 240 1.02 -20.73 -19.26
N CYS B 241 1.58 -21.06 -20.43
CA CYS B 241 1.47 -22.40 -21.00
C CYS B 241 2.46 -22.58 -22.14
N VAL B 242 3.50 -23.39 -21.90
CA VAL B 242 4.53 -23.62 -22.90
C VAL B 242 4.35 -24.95 -23.62
N ALA B 243 4.22 -24.89 -24.95
CA ALA B 243 4.01 -26.09 -25.74
C ALA B 243 5.16 -26.37 -26.69
N ASN B 244 5.33 -27.64 -27.05
CA ASN B 244 6.34 -28.06 -28.01
C ASN B 244 5.71 -28.87 -29.14
N ALA B 245 6.12 -28.59 -30.38
CA ALA B 245 5.60 -29.30 -31.54
C ALA B 245 6.52 -29.20 -32.74
N ARG B 246 6.17 -29.94 -33.80
CA ARG B 246 6.99 -30.07 -35.00
C ARG B 246 6.13 -30.17 -36.25
N PRO B 247 6.31 -29.24 -37.22
CA PRO B 247 7.17 -28.05 -37.17
C PRO B 247 6.58 -26.96 -36.28
N LEU B 248 7.46 -26.24 -35.58
CA LEU B 248 7.02 -25.29 -34.56
C LEU B 248 6.26 -24.09 -35.13
N ILE B 249 6.42 -23.84 -36.42
CA ILE B 249 5.78 -22.67 -37.03
C ILE B 249 4.27 -22.85 -37.18
N LYS B 250 3.80 -24.09 -37.16
CA LYS B 250 2.37 -24.35 -37.19
C LYS B 250 1.97 -24.89 -35.82
N LEU B 251 2.61 -24.37 -34.78
CA LEU B 251 2.16 -24.57 -33.41
C LEU B 251 1.41 -23.32 -32.98
N HIS B 252 0.11 -23.46 -32.74
CA HIS B 252 -0.70 -22.35 -32.31
C HIS B 252 -1.43 -22.71 -31.01
N ILE B 253 -1.42 -21.81 -30.05
CA ILE B 253 -1.98 -22.08 -28.74
C ILE B 253 -3.24 -21.25 -28.48
N VAL B 254 -4.37 -21.93 -28.34
CA VAL B 254 -5.64 -21.26 -28.09
C VAL B 254 -5.97 -21.20 -26.60
N TRP B 255 -6.10 -19.99 -26.08
CA TRP B 255 -6.41 -19.79 -24.67
C TRP B 255 -7.89 -19.50 -24.48
N LYS B 256 -8.55 -20.28 -23.62
CA LYS B 256 -9.96 -20.10 -23.35
C LYS B 256 -10.22 -19.87 -21.87
N LYS B 257 -11.37 -19.26 -21.56
CA LYS B 257 -11.73 -18.99 -20.18
C LYS B 257 -13.06 -19.64 -19.81
N ASP B 258 -13.01 -20.57 -18.86
CA ASP B 258 -14.21 -21.28 -18.41
C ASP B 258 -15.06 -21.87 -19.54
N GLY B 259 -14.43 -22.19 -20.66
CA GLY B 259 -15.10 -22.68 -21.86
C GLY B 259 -15.13 -21.71 -23.04
N ALA B 260 -14.97 -20.42 -22.77
CA ALA B 260 -15.09 -19.45 -23.83
C ALA B 260 -13.80 -18.77 -24.14
N PRO B 261 -13.57 -18.41 -25.44
CA PRO B 261 -12.20 -18.11 -25.92
C PRO B 261 -11.86 -16.64 -25.70
N LEU B 262 -10.59 -16.35 -25.43
CA LEU B 262 -10.11 -14.98 -25.29
C LEU B 262 -9.48 -14.43 -26.57
N SER B 263 -9.78 -13.17 -26.86
CA SER B 263 -9.29 -12.52 -28.07
C SER B 263 -8.21 -11.51 -27.74
N SER B 264 -7.89 -11.41 -26.46
CA SER B 264 -6.96 -10.40 -25.99
C SER B 264 -6.28 -10.77 -24.67
N GLY B 265 -5.18 -10.09 -24.38
CA GLY B 265 -4.40 -10.34 -23.18
C GLY B 265 -3.26 -11.31 -23.45
N ILE B 266 -3.24 -11.86 -24.66
CA ILE B 266 -2.29 -12.89 -25.03
C ILE B 266 -0.99 -12.32 -25.60
N SER B 267 0.15 -12.77 -25.07
CA SER B 267 1.45 -12.31 -25.53
C SER B 267 2.47 -13.44 -25.60
N ASP B 268 3.68 -13.10 -26.01
CA ASP B 268 4.83 -14.01 -25.97
C ASP B 268 4.54 -15.34 -26.69
N TYR B 269 4.24 -15.25 -27.98
CA TYR B 269 3.98 -16.43 -28.81
C TYR B 269 2.91 -17.32 -28.18
N ASN B 270 1.86 -16.67 -27.67
CA ASN B 270 0.72 -17.34 -27.05
C ASN B 270 1.05 -18.13 -25.80
N ARG B 271 2.24 -17.92 -25.24
CA ARG B 271 2.64 -18.63 -24.03
C ARG B 271 2.08 -17.95 -22.79
N ARG B 272 1.93 -16.63 -22.83
CA ARG B 272 1.49 -15.88 -21.66
C ARG B 272 0.19 -15.13 -21.87
N LEU B 273 -0.78 -15.43 -21.01
CA LEU B 273 -2.04 -14.70 -20.94
C LEU B 273 -2.01 -13.74 -19.74
N THR B 274 -2.21 -12.45 -20.00
CA THR B 274 -2.08 -11.45 -18.95
C THR B 274 -3.35 -10.65 -18.74
N ILE B 275 -3.87 -10.70 -17.52
CA ILE B 275 -5.00 -9.87 -17.14
C ILE B 275 -4.52 -8.67 -16.32
N ALA B 276 -4.82 -7.47 -16.82
CA ALA B 276 -4.42 -6.24 -16.16
C ALA B 276 -5.53 -5.74 -15.26
N ASN B 277 -5.15 -5.27 -14.07
CA ASN B 277 -6.10 -4.84 -13.04
C ASN B 277 -7.24 -5.83 -12.84
N PRO B 278 -6.90 -7.09 -12.50
CA PRO B 278 -7.93 -8.14 -12.43
C PRO B 278 -8.93 -7.93 -11.31
N THR B 279 -10.17 -8.31 -11.55
CA THR B 279 -11.23 -8.23 -10.54
C THR B 279 -11.77 -9.63 -10.26
N VAL B 280 -12.83 -9.70 -9.47
CA VAL B 280 -13.46 -10.97 -9.12
C VAL B 280 -14.02 -11.65 -10.37
N SER B 281 -14.44 -10.85 -11.34
CA SER B 281 -14.98 -11.36 -12.60
C SER B 281 -13.97 -12.26 -13.31
N ASP B 282 -12.71 -11.84 -13.31
CA ASP B 282 -11.66 -12.52 -14.07
C ASP B 282 -11.27 -13.87 -13.46
N ALA B 283 -11.85 -14.20 -12.31
CA ALA B 283 -11.63 -15.51 -11.70
C ALA B 283 -12.31 -16.58 -12.54
N GLY B 284 -11.64 -17.72 -12.70
CA GLY B 284 -12.19 -18.80 -13.50
C GLY B 284 -11.19 -19.88 -13.87
N TYR B 285 -11.58 -20.78 -14.77
CA TYR B 285 -10.72 -21.89 -15.16
C TYR B 285 -10.10 -21.65 -16.54
N TYR B 286 -8.93 -21.02 -16.55
CA TYR B 286 -8.23 -20.74 -17.79
C TYR B 286 -7.48 -21.98 -18.29
N GLU B 287 -7.82 -22.39 -19.51
CA GLU B 287 -7.29 -23.60 -20.14
C GLU B 287 -6.62 -23.28 -21.46
N CYS B 288 -5.44 -23.83 -21.69
CA CYS B 288 -4.76 -23.64 -22.95
C CYS B 288 -4.75 -24.89 -23.83
N GLU B 289 -4.89 -24.71 -25.14
CA GLU B 289 -4.91 -25.80 -26.10
C GLU B 289 -3.78 -25.69 -27.08
N ALA B 290 -3.02 -26.74 -27.26
CA ALA B 290 -1.92 -26.70 -28.21
C ALA B 290 -2.33 -27.34 -29.52
N MET B 291 -2.53 -26.54 -30.54
CA MET B 291 -3.00 -27.07 -31.82
C MET B 291 -1.97 -26.93 -32.93
N LEU B 292 -1.95 -27.92 -33.83
CA LEU B 292 -1.06 -27.90 -34.97
C LEU B 292 -1.61 -27.19 -36.21
N PRO B 299 -3.97 -32.71 -31.00
CA PRO B 299 -4.50 -31.57 -30.26
C PRO B 299 -4.64 -31.92 -28.80
N VAL B 300 -4.06 -31.09 -27.93
CA VAL B 300 -3.92 -31.42 -26.52
C VAL B 300 -4.18 -30.21 -25.64
N THR B 301 -4.76 -30.45 -24.47
CA THR B 301 -5.15 -29.35 -23.59
C THR B 301 -4.76 -29.58 -22.14
N ARG B 302 -4.79 -28.49 -21.37
CA ARG B 302 -4.47 -28.51 -19.97
C ARG B 302 -5.01 -27.26 -19.34
N GLY B 303 -5.54 -27.37 -18.13
CA GLY B 303 -6.18 -26.24 -17.52
C GLY B 303 -5.57 -25.79 -16.21
N ALA B 304 -6.08 -24.68 -15.72
CA ALA B 304 -5.78 -24.25 -14.35
C ALA B 304 -6.81 -23.24 -13.84
N TYR B 305 -6.80 -23.00 -12.54
CA TYR B 305 -7.72 -22.03 -11.94
C TYR B 305 -7.02 -20.73 -11.55
N LEU B 306 -7.57 -19.62 -12.02
CA LEU B 306 -7.15 -18.29 -11.60
C LEU B 306 -8.14 -17.77 -10.58
N SER B 307 -7.66 -17.54 -9.36
CA SER B 307 -8.49 -17.07 -8.26
C SER B 307 -8.14 -15.62 -7.91
N VAL B 308 -9.16 -14.76 -7.89
CA VAL B 308 -8.95 -13.37 -7.52
C VAL B 308 -9.55 -13.08 -6.15
N LEU B 309 -8.71 -12.57 -5.26
CA LEU B 309 -9.07 -12.43 -3.85
C LEU B 309 -9.42 -10.99 -3.48
N GLU B 310 -10.16 -10.85 -2.39
CA GLU B 310 -10.44 -9.56 -1.78
C GLU B 310 -10.24 -9.65 -0.28
N PRO B 311 -9.41 -8.77 0.29
CA PRO B 311 -9.21 -8.76 1.74
C PRO B 311 -10.50 -8.45 2.47
N PRO B 312 -10.68 -8.98 3.69
CA PRO B 312 -11.93 -8.81 4.45
C PRO B 312 -12.28 -7.34 4.68
N GLN B 313 -13.57 -7.09 4.90
CA GLN B 313 -14.08 -5.73 5.09
C GLN B 313 -15.40 -5.82 5.84
N PHE B 314 -15.67 -4.88 6.73
CA PHE B 314 -16.80 -5.04 7.65
C PHE B 314 -18.13 -4.52 7.13
N VAL B 315 -19.15 -5.38 7.22
CA VAL B 315 -20.53 -5.01 6.92
C VAL B 315 -21.23 -4.56 8.19
N ARG B 316 -21.20 -5.43 9.20
CA ARG B 316 -21.72 -5.11 10.52
C ARG B 316 -20.54 -4.94 11.48
N GLU B 317 -20.70 -4.04 12.45
CA GLU B 317 -19.61 -3.71 13.36
C GLU B 317 -20.18 -3.18 14.66
N PRO B 318 -19.84 -3.82 15.78
CA PRO B 318 -20.45 -3.44 17.06
C PRO B 318 -19.98 -2.05 17.48
N GLU B 319 -20.83 -1.31 18.19
CA GLU B 319 -20.43 0.00 18.69
C GLU B 319 -19.25 -0.15 19.62
N ARG B 320 -18.44 0.90 19.74
CA ARG B 320 -17.23 0.85 20.55
C ARG B 320 -17.55 0.69 22.03
N HIS B 321 -18.80 0.93 22.40
CA HIS B 321 -19.22 0.74 23.78
C HIS B 321 -20.52 -0.06 23.85
N ILE B 322 -20.47 -1.17 24.58
CA ILE B 322 -21.63 -2.03 24.75
C ILE B 322 -21.83 -2.39 26.21
N THR B 323 -23.04 -2.17 26.72
CA THR B 323 -23.36 -2.54 28.09
C THR B 323 -24.53 -3.52 28.15
N ALA B 324 -24.41 -4.49 29.04
CA ALA B 324 -25.50 -5.41 29.34
C ALA B 324 -25.51 -5.68 30.84
N GLU B 325 -26.53 -6.38 31.31
CA GLU B 325 -26.75 -6.50 32.75
C GLU B 325 -26.04 -7.69 33.38
N MET B 326 -25.97 -7.69 34.71
CA MET B 326 -25.05 -8.53 35.49
C MET B 326 -25.20 -10.04 35.26
N GLU B 327 -26.38 -10.51 34.90
CA GLU B 327 -26.57 -11.94 34.69
C GLU B 327 -27.35 -12.25 33.42
N LYS B 328 -27.52 -11.23 32.58
CA LYS B 328 -28.26 -11.38 31.32
C LYS B 328 -27.38 -11.93 30.21
N VAL B 329 -27.93 -11.97 28.99
CA VAL B 329 -27.22 -12.47 27.83
C VAL B 329 -27.15 -11.40 26.73
N VAL B 330 -25.98 -11.22 26.13
CA VAL B 330 -25.78 -10.15 25.16
C VAL B 330 -25.25 -10.66 23.81
N ASP B 331 -25.77 -10.07 22.73
CA ASP B 331 -25.26 -10.30 21.37
C ASP B 331 -24.33 -9.18 20.93
N ILE B 332 -23.12 -9.54 20.55
CA ILE B 332 -22.20 -8.61 19.92
C ILE B 332 -22.07 -8.98 18.44
N PRO B 333 -22.56 -8.10 17.56
CA PRO B 333 -22.57 -8.38 16.12
C PRO B 333 -21.21 -8.20 15.46
N CYS B 334 -20.90 -9.06 14.49
CA CYS B 334 -19.71 -8.88 13.67
C CYS B 334 -19.87 -9.66 12.38
N ARG B 335 -19.93 -8.94 11.26
CA ARG B 335 -20.07 -9.57 9.96
C ARG B 335 -19.12 -8.93 8.96
N ALA B 336 -18.49 -9.75 8.13
CA ALA B 336 -17.54 -9.24 7.15
C ALA B 336 -17.69 -9.92 5.79
N LYS B 337 -17.46 -9.14 4.75
CA LYS B 337 -17.43 -9.63 3.37
C LYS B 337 -15.99 -9.72 2.88
N GLY B 338 -15.79 -10.47 1.80
CA GLY B 338 -14.49 -10.68 1.23
C GLY B 338 -14.47 -11.97 0.44
N VAL B 339 -13.47 -12.13 -0.42
CA VAL B 339 -13.36 -13.32 -1.24
C VAL B 339 -12.00 -13.98 -1.03
N PRO B 340 -12.00 -15.25 -0.57
CA PRO B 340 -13.13 -16.11 -0.20
C PRO B 340 -13.78 -15.69 1.12
N PRO B 341 -14.90 -16.33 1.52
CA PRO B 341 -15.55 -16.03 2.80
C PRO B 341 -14.57 -15.99 3.98
N PRO B 342 -14.36 -14.80 4.55
CA PRO B 342 -13.43 -14.63 5.67
C PRO B 342 -13.93 -15.26 6.95
N SER B 343 -13.07 -16.01 7.63
CA SER B 343 -13.43 -16.60 8.92
C SER B 343 -13.44 -15.51 9.98
N ILE B 344 -14.21 -15.74 11.04
CA ILE B 344 -14.32 -14.78 12.13
C ILE B 344 -13.78 -15.37 13.42
N THR B 345 -12.88 -14.64 14.07
CA THR B 345 -12.26 -15.10 15.31
C THR B 345 -12.39 -14.04 16.40
N TRP B 346 -12.85 -14.46 17.58
CA TRP B 346 -13.09 -13.54 18.68
C TRP B 346 -11.98 -13.60 19.74
N TYR B 347 -11.71 -12.44 20.34
CA TYR B 347 -10.72 -12.31 21.40
C TYR B 347 -11.32 -11.56 22.58
N LYS B 348 -10.95 -11.97 23.80
CA LYS B 348 -11.30 -11.21 25.00
C LYS B 348 -10.01 -10.83 25.73
N ASP B 349 -9.71 -9.54 25.73
CA ASP B 349 -8.47 -9.01 26.31
C ASP B 349 -7.26 -9.73 25.71
N ALA B 350 -7.16 -9.69 24.39
CA ALA B 350 -6.03 -10.26 23.64
C ALA B 350 -5.85 -11.76 23.89
N ALA B 351 -6.91 -12.41 24.32
CA ALA B 351 -6.89 -13.85 24.52
C ALA B 351 -8.05 -14.50 23.78
N LEU B 352 -7.74 -15.54 23.00
CA LEU B 352 -8.73 -16.23 22.19
C LEU B 352 -9.92 -16.68 23.01
N VAL B 353 -11.11 -16.20 22.63
CA VAL B 353 -12.33 -16.56 23.34
C VAL B 353 -12.59 -18.07 23.26
N GLU B 354 -13.23 -18.60 24.30
CA GLU B 354 -13.54 -20.03 24.36
C GLU B 354 -14.94 -20.32 23.84
N VAL B 355 -15.11 -20.60 22.56
CA VAL B 355 -16.45 -20.73 22.00
C VAL B 355 -17.03 -22.12 22.01
N GLY B 356 -16.31 -23.07 21.43
CA GLY B 356 -16.73 -24.45 21.47
C GLY B 356 -16.45 -24.96 22.85
N LYS B 357 -15.36 -24.47 23.43
CA LYS B 357 -14.93 -24.91 24.73
C LYS B 357 -16.02 -24.64 25.73
N LEU B 358 -16.08 -23.42 26.22
CA LEU B 358 -17.14 -23.01 27.10
C LEU B 358 -18.38 -23.01 26.27
N THR B 359 -19.51 -23.24 26.90
CA THR B 359 -20.76 -23.11 26.21
C THR B 359 -21.51 -21.89 26.69
N ARG B 360 -20.89 -21.14 27.57
CA ARG B 360 -21.27 -19.79 27.89
C ARG B 360 -21.09 -18.91 26.66
N PHE B 361 -20.00 -19.08 25.93
CA PHE B 361 -19.66 -18.23 24.80
C PHE B 361 -19.98 -18.89 23.48
N LYS B 362 -21.10 -18.55 22.88
CA LYS B 362 -21.49 -19.14 21.63
C LYS B 362 -21.28 -18.25 20.44
N GLN B 363 -20.43 -18.68 19.52
CA GLN B 363 -20.16 -17.93 18.30
C GLN B 363 -21.13 -18.32 17.20
N ARG B 364 -21.82 -17.33 16.64
CA ARG B 364 -22.82 -17.59 15.61
C ARG B 364 -22.18 -17.76 14.22
N SER B 365 -22.92 -18.38 13.31
CA SER B 365 -22.42 -18.72 11.99
C SER B 365 -22.01 -17.50 11.17
N ASP B 366 -22.80 -16.43 11.25
CA ASP B 366 -22.51 -15.23 10.47
C ASP B 366 -21.30 -14.48 11.02
N GLY B 367 -20.88 -14.83 12.23
CA GLY B 367 -19.69 -14.24 12.83
C GLY B 367 -19.89 -13.66 14.22
N GLY B 368 -21.11 -13.24 14.52
CA GLY B 368 -21.42 -12.62 15.79
C GLY B 368 -21.23 -13.52 17.00
N LEU B 369 -21.04 -12.92 18.16
CA LEU B 369 -20.80 -13.66 19.39
C LEU B 369 -21.89 -13.42 20.43
N GLN B 370 -22.34 -14.47 21.09
CA GLN B 370 -23.34 -14.35 22.13
C GLN B 370 -22.81 -14.82 23.48
N ILE B 371 -22.78 -13.91 24.44
CA ILE B 371 -22.31 -14.23 25.79
C ILE B 371 -23.48 -14.26 26.77
N SER B 372 -23.76 -15.43 27.33
CA SER B 372 -24.90 -15.58 28.23
C SER B 372 -24.47 -15.76 29.68
N GLY B 373 -25.39 -15.44 30.60
CA GLY B 373 -25.10 -15.48 32.02
C GLY B 373 -23.84 -14.70 32.33
N LEU B 374 -23.89 -13.39 32.14
CA LEU B 374 -22.70 -12.55 32.23
C LEU B 374 -22.06 -12.58 33.62
N LEU B 375 -20.76 -12.35 33.65
CA LEU B 375 -20.00 -12.23 34.89
C LEU B 375 -19.32 -10.85 34.93
N PRO B 376 -18.99 -10.35 36.12
CA PRO B 376 -18.15 -9.14 36.21
C PRO B 376 -16.81 -9.35 35.50
N ASP B 377 -16.36 -10.59 35.46
CA ASP B 377 -15.16 -10.98 34.72
C ASP B 377 -15.22 -10.56 33.26
N ASP B 378 -16.41 -10.69 32.67
CA ASP B 378 -16.60 -10.48 31.24
C ASP B 378 -16.41 -9.02 30.81
N THR B 379 -16.36 -8.12 31.78
CA THR B 379 -16.07 -6.71 31.49
C THR B 379 -14.68 -6.59 30.90
N GLY B 380 -14.56 -5.85 29.79
CA GLY B 380 -13.27 -5.69 29.13
C GLY B 380 -13.38 -5.53 27.64
N MET B 381 -12.24 -5.61 26.95
CA MET B 381 -12.20 -5.40 25.51
C MET B 381 -12.46 -6.68 24.73
N LEU B 382 -13.42 -6.61 23.82
CA LEU B 382 -13.70 -7.71 22.89
C LEU B 382 -13.25 -7.33 21.49
N GLN B 383 -12.58 -8.26 20.81
CA GLN B 383 -12.11 -8.01 19.45
C GLN B 383 -12.61 -9.05 18.47
N CYS B 384 -12.91 -8.59 17.26
CA CYS B 384 -13.36 -9.45 16.18
C CYS B 384 -12.43 -9.33 14.99
N PHE B 385 -11.88 -10.46 14.57
CA PHE B 385 -10.97 -10.52 13.44
C PHE B 385 -11.56 -11.29 12.27
N ALA B 386 -11.61 -10.62 11.11
CA ALA B 386 -12.02 -11.25 9.87
C ALA B 386 -10.78 -11.59 9.05
N HIS B 387 -10.62 -12.87 8.72
CA HIS B 387 -9.39 -13.32 8.07
C HIS B 387 -9.63 -14.14 6.81
N ASN B 388 -8.88 -13.82 5.76
CA ASN B 388 -8.74 -14.73 4.62
C ASN B 388 -7.34 -14.63 4.02
N ALA B 389 -7.10 -15.39 2.96
CA ALA B 389 -5.78 -15.49 2.37
C ALA B 389 -5.26 -14.16 1.82
N ALA B 390 -6.16 -13.19 1.67
CA ALA B 390 -5.79 -11.89 1.13
C ALA B 390 -5.54 -10.85 2.22
N GLY B 391 -5.88 -11.16 3.46
CA GLY B 391 -5.67 -10.20 4.55
C GLY B 391 -6.48 -10.36 5.81
N GLU B 392 -6.42 -9.38 6.69
CA GLU B 392 -7.07 -9.47 7.98
C GLU B 392 -7.61 -8.12 8.36
N ALA B 393 -8.76 -8.08 8.98
CA ALA B 393 -9.30 -6.84 9.47
C ALA B 393 -9.83 -7.04 10.87
N GLN B 394 -10.00 -5.98 11.63
CA GLN B 394 -10.38 -6.09 13.01
C GLN B 394 -11.23 -4.96 13.49
N THR B 395 -11.99 -5.22 14.54
CA THR B 395 -12.78 -4.21 15.18
C THR B 395 -12.98 -4.55 16.63
N SER B 396 -12.97 -3.56 17.49
CA SER B 396 -13.00 -3.79 18.91
C SER B 396 -14.16 -3.11 19.57
N THR B 397 -14.44 -3.48 20.81
CA THR B 397 -15.52 -2.86 21.56
C THR B 397 -15.30 -3.08 23.05
N TYR B 398 -15.70 -2.10 23.87
CA TYR B 398 -15.57 -2.26 25.31
C TYR B 398 -16.88 -2.72 25.94
N LEU B 399 -16.92 -3.97 26.37
CA LEU B 399 -18.10 -4.51 27.04
C LEU B 399 -18.06 -4.20 28.53
N ALA B 400 -19.13 -3.57 29.02
CA ALA B 400 -19.23 -3.22 30.43
C ALA B 400 -20.42 -3.92 31.09
N VAL B 401 -20.13 -4.93 31.87
CA VAL B 401 -21.17 -5.60 32.60
C VAL B 401 -21.62 -4.80 33.81
N THR B 402 -22.88 -4.45 33.82
CA THR B 402 -23.40 -3.52 34.79
C THR B 402 -24.05 -4.24 35.92
N SER B 403 -24.15 -3.56 37.05
CA SER B 403 -24.78 -4.08 38.25
C SER B 403 -26.00 -4.94 37.95
#